data_5PGY
#
_entry.id   5PGY
#
_cell.length_a   74.500
_cell.length_b   92.300
_cell.length_c   162.400
_cell.angle_alpha   90.000
_cell.angle_beta   90.000
_cell.angle_gamma   90.000
#
_symmetry.space_group_name_H-M   'P 21 21 21'
#
loop_
_entity.id
_entity.type
_entity.pdbx_description
1 polymer 'Corticosteroid 11-beta-dehydrogenase isozyme 1'
2 non-polymer 'NADP NICOTINAMIDE-ADENINE-DINUCLEOTIDE PHOSPHATE'
3 non-polymer 2-[(5R,7S)-6-HYDROXY-2-PHENYLADAMANTAN-2-YL]-1-(3-HYDROXYAZETIDIN-1-YL)ETHAN-1-ONE
4 water water
#
_entity_poly.entity_id   1
_entity_poly.type   'polypeptide(L)'
_entity_poly.pdbx_seq_one_letter_code
;GSHMASMTGGQQMGRGSNEEFRPEMLQGKKVIVTGASKGIGREMAYHLAKMGAHVVVTARSKETLQKVVSHCLELGAASA
HYIAGTMEDMTFAEQFVAQAGKLMGGLDMLILNHITNTSLNLFHDDIHHVRKSMEVNFLSYVVLTVAALPMLKQSNGSIV
VVSSLAGKVAYPMVAAYSASKFALDGFFSSIRKEYSVSRVNVSITLCVLGLIDTETAMKAVSGIVHMQAAPKEECALEII
KGGALRQEEVYYDSSRWTTLLIRNPCRKILEELYSTSYNMDRFINK
;
_entity_poly.pdbx_strand_id   A,B,D,E
#
# COMPACT_ATOMS: atom_id res chain seq x y z
N GLU A 20 0.00 26.51 2.46
CA GLU A 20 0.96 27.27 1.69
C GLU A 20 1.91 28.07 2.58
N PHE A 21 3.21 27.82 2.44
CA PHE A 21 4.25 28.47 3.24
C PHE A 21 4.54 29.89 2.75
N ARG A 22 4.81 30.78 3.71
CA ARG A 22 5.21 32.17 3.51
C ARG A 22 6.38 32.44 4.43
N PRO A 23 7.46 33.11 3.98
CA PRO A 23 8.59 33.37 4.89
C PRO A 23 8.25 34.16 6.16
N GLU A 24 7.11 34.89 6.15
CA GLU A 24 6.59 35.70 7.26
C GLU A 24 6.24 34.84 8.46
N MET A 25 5.96 33.54 8.21
CA MET A 25 5.64 32.54 9.24
C MET A 25 6.77 32.39 10.27
N LEU A 26 8.03 32.68 9.87
CA LEU A 26 9.21 32.58 10.75
C LEU A 26 9.69 33.92 11.34
N GLN A 27 9.13 35.05 10.84
CA GLN A 27 9.48 36.40 11.28
C GLN A 27 9.26 36.56 12.78
N GLY A 28 10.33 36.87 13.51
CA GLY A 28 10.28 37.04 14.96
C GLY A 28 10.17 35.76 15.79
N LYS A 29 10.18 34.58 15.15
CA LYS A 29 10.11 33.30 15.85
C LYS A 29 11.45 32.96 16.50
N LYS A 30 11.40 32.26 17.66
CA LYS A 30 12.58 31.89 18.43
C LYS A 30 12.95 30.45 18.09
N VAL A 31 14.08 30.29 17.33
CA VAL A 31 14.50 29.00 16.79
C VAL A 31 15.89 28.56 17.24
N ILE A 32 16.00 27.28 17.63
CA ILE A 32 17.27 26.61 17.93
C ILE A 32 17.59 25.74 16.70
N VAL A 33 18.84 25.77 16.20
CA VAL A 33 19.29 24.88 15.12
C VAL A 33 20.55 24.19 15.67
N THR A 34 20.53 22.85 15.77
CA THR A 34 21.73 22.13 16.22
C THR A 34 22.55 21.74 15.02
N GLY A 35 23.81 21.41 15.23
CA GLY A 35 24.74 21.05 14.16
C GLY A 35 24.68 22.06 13.03
N ALA A 36 24.73 23.34 13.40
CA ALA A 36 24.52 24.47 12.52
C ALA A 36 25.81 25.24 12.10
N SER A 37 27.00 24.66 12.37
CA SER A 37 28.27 25.28 11.98
C SER A 37 28.60 25.01 10.49
N LYS A 38 27.96 23.99 9.89
CA LYS A 38 28.15 23.64 8.48
C LYS A 38 26.98 22.88 7.93
N GLY A 39 27.08 22.52 6.66
CA GLY A 39 26.10 21.72 5.95
C GLY A 39 24.69 22.23 5.99
N ILE A 40 23.71 21.29 6.02
CA ILE A 40 22.27 21.58 6.06
C ILE A 40 21.90 22.56 7.20
N GLY A 41 22.47 22.36 8.40
CA GLY A 41 22.23 23.16 9.58
C GLY A 41 22.55 24.63 9.42
N ARG A 42 23.70 24.90 8.75
CA ARG A 42 24.13 26.28 8.50
C ARG A 42 23.20 26.93 7.49
N GLU A 43 22.77 26.17 6.47
CA GLU A 43 21.86 26.69 5.46
C GLU A 43 20.47 26.97 6.06
N MET A 44 20.07 26.19 7.10
CA MET A 44 18.79 26.42 7.80
C MET A 44 18.88 27.71 8.56
N ALA A 45 20.02 27.95 9.23
CA ALA A 45 20.26 29.17 10.01
C ALA A 45 20.12 30.40 9.13
N TYR A 46 20.55 30.28 7.86
CA TYR A 46 20.56 31.33 6.85
C TYR A 46 19.17 31.63 6.34
N HIS A 47 18.40 30.60 5.97
CA HIS A 47 17.02 30.82 5.56
C HIS A 47 16.23 31.42 6.73
N LEU A 48 16.55 31.01 7.98
CA LEU A 48 15.86 31.51 9.17
C LEU A 48 16.14 32.97 9.45
N ALA A 49 17.43 33.38 9.32
CA ALA A 49 17.92 34.74 9.55
C ALA A 49 17.32 35.69 8.52
N LYS A 50 17.27 35.26 7.24
CA LYS A 50 16.66 35.97 6.11
C LYS A 50 15.22 36.34 6.43
N MET A 51 14.42 35.34 6.92
CA MET A 51 13.00 35.43 7.29
C MET A 51 12.70 36.31 8.51
N GLY A 52 13.75 36.70 9.23
CA GLY A 52 13.69 37.58 10.40
C GLY A 52 13.48 36.95 11.76
N ALA A 53 13.90 35.67 11.91
CA ALA A 53 13.79 34.94 13.17
C ALA A 53 14.93 35.27 14.14
N HIS A 54 14.71 34.97 15.43
CA HIS A 54 15.73 35.01 16.47
C HIS A 54 16.32 33.59 16.41
N VAL A 55 17.65 33.46 16.36
CA VAL A 55 18.27 32.14 16.23
C VAL A 55 19.35 31.90 17.26
N VAL A 56 19.45 30.63 17.71
CA VAL A 56 20.52 30.18 18.58
C VAL A 56 21.04 28.92 17.89
N VAL A 57 22.30 28.99 17.47
CA VAL A 57 22.96 27.90 16.77
C VAL A 57 23.93 27.19 17.68
N THR A 58 24.13 25.89 17.46
CA THR A 58 25.08 25.11 18.24
C THR A 58 25.80 24.09 17.36
N ALA A 59 26.98 23.69 17.83
CA ALA A 59 27.93 22.72 17.27
C ALA A 59 29.14 22.76 18.23
N ARG A 60 30.16 21.95 17.97
CA ARG A 60 31.35 22.01 18.83
C ARG A 60 32.30 23.19 18.49
N SER A 61 32.41 23.56 17.20
CA SER A 61 33.37 24.56 16.73
C SER A 61 32.95 25.99 16.92
N LYS A 62 33.54 26.65 17.93
CA LYS A 62 33.32 28.06 18.29
C LYS A 62 33.58 29.02 17.09
N GLU A 63 34.71 28.82 16.38
CA GLU A 63 35.16 29.65 15.27
C GLU A 63 34.21 29.58 14.07
N THR A 64 33.69 28.38 13.74
CA THR A 64 32.75 28.22 12.62
C THR A 64 31.39 28.80 12.97
N LEU A 65 30.96 28.66 14.26
CA LEU A 65 29.68 29.17 14.79
C LEU A 65 29.64 30.69 14.75
N GLN A 66 30.78 31.34 15.11
CA GLN A 66 30.94 32.81 15.09
C GLN A 66 30.66 33.37 13.69
N LYS A 67 31.21 32.73 12.65
CA LYS A 67 30.99 33.12 11.26
C LYS A 67 29.53 32.97 10.88
N VAL A 68 28.84 31.92 11.36
CA VAL A 68 27.42 31.68 11.05
C VAL A 68 26.58 32.79 11.68
N VAL A 69 26.88 33.16 12.95
CA VAL A 69 26.18 34.20 13.69
C VAL A 69 26.33 35.55 12.98
N SER A 70 27.58 35.90 12.53
CA SER A 70 27.86 37.13 11.76
C SER A 70 27.04 37.19 10.46
N HIS A 71 27.14 36.14 9.58
CA HIS A 71 26.40 36.09 8.29
C HIS A 71 24.87 36.10 8.49
N CYS A 72 24.40 35.54 9.63
CA CYS A 72 22.97 35.47 10.00
C CYS A 72 22.43 36.87 10.24
N LEU A 73 23.13 37.66 11.08
CA LEU A 73 22.78 39.04 11.38
C LEU A 73 22.72 39.89 10.10
N GLU A 74 23.70 39.71 9.19
CA GLU A 74 23.76 40.39 7.89
C GLU A 74 22.54 40.08 7.04
N LEU A 75 22.08 38.80 7.06
CA LEU A 75 20.94 38.37 6.24
C LEU A 75 19.58 38.93 6.73
N GLY A 76 19.46 39.26 8.02
CA GLY A 76 18.23 39.86 8.52
C GLY A 76 17.67 39.40 9.85
N ALA A 77 18.39 38.54 10.58
CA ALA A 77 17.96 38.00 11.88
C ALA A 77 17.68 39.05 12.95
N ALA A 78 16.58 38.84 13.69
CA ALA A 78 16.13 39.67 14.80
C ALA A 78 17.18 39.65 15.92
N SER A 79 17.80 38.49 16.13
CA SER A 79 18.92 38.24 17.05
C SER A 79 19.60 36.94 16.64
N ALA A 80 20.91 36.83 16.91
CA ALA A 80 21.66 35.63 16.56
C ALA A 80 22.74 35.40 17.57
N HIS A 81 22.77 34.18 18.12
CA HIS A 81 23.71 33.76 19.14
C HIS A 81 24.16 32.33 18.88
N TYR A 82 25.28 31.95 19.50
CA TYR A 82 25.78 30.60 19.48
C TYR A 82 26.17 30.18 20.90
N ILE A 83 26.14 28.87 21.16
CA ILE A 83 26.58 28.23 22.39
C ILE A 83 27.28 26.99 21.88
N ALA A 84 28.58 26.87 22.15
CA ALA A 84 29.38 25.76 21.64
C ALA A 84 29.48 24.65 22.67
N GLY A 85 29.48 23.41 22.18
CA GLY A 85 29.59 22.23 23.03
C GLY A 85 29.26 20.93 22.32
N THR A 86 29.60 19.82 22.93
CA THR A 86 29.38 18.49 22.38
C THR A 86 28.06 17.88 22.87
N MET A 87 27.33 17.28 21.91
CA MET A 87 26.08 16.60 22.19
C MET A 87 26.30 15.17 22.72
N GLU A 88 27.58 14.81 22.96
CA GLU A 88 27.99 13.56 23.63
C GLU A 88 27.70 13.76 25.11
N ASP A 89 27.66 15.02 25.54
CA ASP A 89 27.45 15.45 26.92
C ASP A 89 25.97 15.79 27.13
N MET A 90 25.24 14.90 27.84
CA MET A 90 23.81 15.10 28.10
C MET A 90 23.53 16.31 28.99
N THR A 91 24.51 16.67 29.85
CA THR A 91 24.38 17.82 30.73
C THR A 91 24.44 19.09 29.89
N PHE A 92 25.36 19.13 28.91
CA PHE A 92 25.45 20.27 28.01
C PHE A 92 24.13 20.39 27.23
N ALA A 93 23.63 19.28 26.68
CA ALA A 93 22.37 19.25 25.90
C ALA A 93 21.24 19.91 26.67
N GLU A 94 21.00 19.46 27.91
CA GLU A 94 19.97 19.96 28.82
C GLU A 94 20.16 21.45 29.16
N GLN A 95 21.40 21.84 29.53
CA GLN A 95 21.69 23.23 29.91
C GLN A 95 21.65 24.17 28.73
N PHE A 96 22.09 23.71 27.54
CA PHE A 96 22.07 24.49 26.30
C PHE A 96 20.67 25.04 25.99
N VAL A 97 19.63 24.19 26.12
CA VAL A 97 18.26 24.59 25.81
C VAL A 97 17.78 25.69 26.78
N ALA A 98 18.07 25.54 28.08
CA ALA A 98 17.70 26.55 29.11
C ALA A 98 18.37 27.90 28.81
N GLN A 99 19.70 27.89 28.48
CA GLN A 99 20.49 29.09 28.16
C GLN A 99 20.02 29.72 26.87
N ALA A 100 19.71 28.90 25.86
CA ALA A 100 19.20 29.35 24.57
C ALA A 100 17.82 29.99 24.73
N GLY A 101 17.01 29.43 25.62
CA GLY A 101 15.68 29.93 25.94
C GLY A 101 15.74 31.26 26.67
N LYS A 102 16.70 31.39 27.62
CA LYS A 102 16.93 32.63 28.38
C LYS A 102 17.36 33.79 27.45
N LEU A 103 18.24 33.50 26.46
CA LEU A 103 18.73 34.47 25.47
C LEU A 103 17.60 35.02 24.62
N MET A 104 16.64 34.15 24.24
CA MET A 104 15.52 34.55 23.36
C MET A 104 14.23 34.91 24.12
N GLY A 105 14.14 34.55 25.39
CA GLY A 105 12.95 34.76 26.20
C GLY A 105 11.83 33.81 25.77
N GLY A 106 12.19 32.58 25.42
CA GLY A 106 11.24 31.56 24.96
C GLY A 106 11.74 30.74 23.79
N LEU A 107 10.83 29.93 23.20
CA LEU A 107 11.18 29.05 22.09
C LEU A 107 9.95 28.66 21.31
N ASP A 108 10.03 28.82 19.98
CA ASP A 108 8.96 28.46 19.04
C ASP A 108 9.29 27.20 18.22
N MET A 109 10.58 26.98 17.89
CA MET A 109 10.96 25.84 17.07
C MET A 109 12.30 25.29 17.49
N LEU A 110 12.35 23.96 17.66
CA LEU A 110 13.55 23.25 18.03
C LEU A 110 13.96 22.39 16.82
N ILE A 111 15.06 22.78 16.14
CA ILE A 111 15.53 22.02 14.98
C ILE A 111 16.70 21.14 15.40
N LEU A 112 16.46 19.82 15.41
CA LEU A 112 17.43 18.81 15.85
C LEU A 112 18.06 18.22 14.61
N ASN A 113 19.33 18.55 14.35
CA ASN A 113 20.00 18.25 13.09
C ASN A 113 21.37 17.56 13.21
N HIS A 114 22.14 17.80 14.26
CA HIS A 114 23.49 17.20 14.45
C HIS A 114 23.54 15.66 14.43
N ILE A 115 24.69 15.12 13.96
CA ILE A 115 25.02 13.70 14.01
C ILE A 115 26.50 13.61 14.47
N THR A 116 26.95 12.44 14.95
CA THR A 116 28.35 12.20 15.25
C THR A 116 29.03 11.93 13.89
N ASN A 117 30.30 12.34 13.75
CA ASN A 117 31.06 12.11 12.50
C ASN A 117 31.01 10.61 12.12
N THR A 118 30.61 10.33 10.90
CA THR A 118 30.38 8.96 10.43
C THR A 118 30.95 8.79 9.04
N SER A 119 31.65 7.68 8.82
CA SER A 119 32.19 7.35 7.50
C SER A 119 31.54 6.04 7.04
N LEU A 120 31.53 5.77 5.72
CA LEU A 120 30.93 4.53 5.19
C LEU A 120 31.86 3.36 5.44
N ASN A 121 31.40 2.36 6.19
CA ASN A 121 32.21 1.17 6.50
C ASN A 121 31.33 -0.01 6.79
N LEU A 122 31.82 -1.21 6.50
CA LEU A 122 31.14 -2.45 6.86
C LEU A 122 31.23 -2.59 8.38
N PHE A 123 30.21 -3.14 9.00
CA PHE A 123 30.22 -3.33 10.42
C PHE A 123 31.00 -4.59 10.78
N HIS A 124 31.95 -4.46 11.71
CA HIS A 124 32.69 -5.62 12.15
C HIS A 124 32.60 -5.78 13.68
N ASP A 125 33.22 -4.87 14.46
CA ASP A 125 33.15 -4.98 15.91
C ASP A 125 33.20 -3.61 16.62
N ASP A 126 32.92 -2.52 15.90
CA ASP A 126 32.97 -1.18 16.44
C ASP A 126 31.74 -0.83 17.26
N ILE A 127 31.67 -1.40 18.48
CA ILE A 127 30.60 -1.15 19.43
C ILE A 127 30.66 0.29 19.93
N HIS A 128 31.89 0.88 19.96
CA HIS A 128 32.10 2.26 20.40
C HIS A 128 31.34 3.21 19.50
N HIS A 129 31.43 3.01 18.17
CA HIS A 129 30.72 3.80 17.18
C HIS A 129 29.21 3.58 17.29
N VAL A 130 28.76 2.33 17.55
CA VAL A 130 27.33 2.03 17.74
C VAL A 130 26.75 2.81 18.94
N ARG A 131 27.44 2.76 20.09
CA ARG A 131 27.01 3.48 21.29
C ARG A 131 27.05 5.01 21.09
N LYS A 132 28.13 5.55 20.49
CA LYS A 132 28.27 6.99 20.24
C LYS A 132 27.21 7.52 19.28
N SER A 133 26.87 6.72 18.22
CA SER A 133 25.82 7.08 17.27
C SER A 133 24.50 7.14 18.01
N MET A 134 24.22 6.17 18.88
CA MET A 134 22.96 6.19 19.64
C MET A 134 22.90 7.35 20.61
N GLU A 135 24.03 7.68 21.27
CA GLU A 135 24.11 8.79 22.23
C GLU A 135 23.93 10.15 21.53
N VAL A 136 24.74 10.43 20.52
CA VAL A 136 24.72 11.74 19.84
C VAL A 136 23.50 11.89 18.92
N ASN A 137 23.28 10.93 18.02
CA ASN A 137 22.22 11.02 17.01
C ASN A 137 20.81 10.85 17.55
N PHE A 138 20.67 10.14 18.68
CA PHE A 138 19.34 9.84 19.19
C PHE A 138 19.11 10.34 20.61
N LEU A 139 19.88 9.86 21.58
CA LEU A 139 19.65 10.21 22.98
C LEU A 139 19.69 11.70 23.24
N SER A 140 20.66 12.42 22.64
CA SER A 140 20.76 13.86 22.84
C SER A 140 19.50 14.57 22.31
N TYR A 141 18.89 14.05 21.21
CA TYR A 141 17.63 14.63 20.69
C TYR A 141 16.50 14.48 21.70
N VAL A 142 16.46 13.36 22.44
CA VAL A 142 15.43 13.11 23.47
C VAL A 142 15.66 14.07 24.64
N VAL A 143 16.95 14.23 25.06
CA VAL A 143 17.34 15.15 26.15
C VAL A 143 16.98 16.58 25.79
N LEU A 144 17.28 17.01 24.56
CA LEU A 144 16.97 18.35 24.08
C LEU A 144 15.47 18.58 24.06
N THR A 145 14.69 17.57 23.61
CA THR A 145 13.22 17.66 23.56
C THR A 145 12.63 17.84 24.97
N VAL A 146 13.08 17.04 25.96
CA VAL A 146 12.61 17.13 27.35
C VAL A 146 12.85 18.54 27.91
N ALA A 147 14.08 19.08 27.71
CA ALA A 147 14.50 20.43 28.14
C ALA A 147 13.68 21.53 27.47
N ALA A 148 13.33 21.36 26.19
CA ALA A 148 12.56 22.34 25.41
C ALA A 148 11.05 22.31 25.54
N LEU A 149 10.48 21.16 25.90
CA LEU A 149 9.02 20.97 25.92
C LEU A 149 8.22 22.03 26.72
N PRO A 150 8.60 22.41 27.97
CA PRO A 150 7.82 23.46 28.66
C PRO A 150 7.69 24.76 27.86
N MET A 151 8.79 25.26 27.24
CA MET A 151 8.74 26.46 26.40
C MET A 151 7.95 26.25 25.13
N LEU A 152 8.10 25.08 24.47
CA LEU A 152 7.35 24.77 23.24
C LEU A 152 5.85 24.64 23.52
N LYS A 153 5.48 24.18 24.73
CA LYS A 153 4.08 24.08 25.14
C LYS A 153 3.48 25.48 25.28
N GLN A 154 4.25 26.42 25.87
CA GLN A 154 3.80 27.81 26.05
C GLN A 154 3.53 28.54 24.73
N SER A 155 4.30 28.22 23.69
CA SER A 155 4.19 28.87 22.39
C SER A 155 3.43 28.06 21.36
N ASN A 156 3.00 26.81 21.70
CA ASN A 156 2.36 25.86 20.75
C ASN A 156 3.37 25.68 19.58
N GLY A 157 4.61 25.46 19.97
CA GLY A 157 5.77 25.34 19.10
C GLY A 157 5.86 24.09 18.26
N SER A 158 7.08 23.87 17.69
CA SER A 158 7.38 22.78 16.78
C SER A 158 8.72 22.12 17.04
N ILE A 159 8.78 20.81 16.88
CA ILE A 159 10.03 20.05 16.97
C ILE A 159 10.29 19.56 15.55
N VAL A 160 11.48 19.82 15.02
CA VAL A 160 11.88 19.40 13.67
C VAL A 160 13.08 18.43 13.82
N VAL A 161 12.88 17.15 13.43
CA VAL A 161 13.87 16.08 13.58
C VAL A 161 14.42 15.76 12.19
N VAL A 162 15.71 15.99 12.00
CA VAL A 162 16.34 15.72 10.73
C VAL A 162 16.76 14.25 10.67
N SER A 163 16.11 13.49 9.79
CA SER A 163 16.41 12.07 9.61
C SER A 163 16.98 11.82 8.23
N SER A 164 16.82 10.61 7.70
CA SER A 164 17.44 10.20 6.43
C SER A 164 16.60 9.10 5.79
N LEU A 165 16.84 8.81 4.49
CA LEU A 165 16.25 7.65 3.82
C LEU A 165 16.74 6.40 4.54
N ALA A 166 17.98 6.46 5.12
CA ALA A 166 18.58 5.38 5.90
C ALA A 166 17.89 5.20 7.27
N GLY A 167 16.93 6.06 7.58
CA GLY A 167 16.07 5.98 8.74
C GLY A 167 14.68 5.46 8.40
N LYS A 168 14.49 4.98 7.16
CA LYS A 168 13.22 4.42 6.67
C LYS A 168 13.42 3.11 5.95
N VAL A 169 14.56 2.97 5.24
CA VAL A 169 14.91 1.73 4.51
C VAL A 169 16.34 1.32 4.88
N ALA A 170 16.71 0.06 4.63
CA ALA A 170 18.04 -0.46 4.94
C ALA A 170 19.07 -0.05 3.91
N TYR A 171 20.27 0.32 4.38
CA TYR A 171 21.41 0.66 3.54
C TYR A 171 22.62 -0.07 4.13
N PRO A 172 23.47 -0.73 3.32
CA PRO A 172 24.70 -1.31 3.91
C PRO A 172 25.70 -0.18 4.20
N MET A 173 26.72 -0.44 5.05
CA MET A 173 27.84 0.46 5.41
C MET A 173 27.50 1.60 6.38
N VAL A 174 26.26 1.63 6.89
CA VAL A 174 25.78 2.65 7.84
C VAL A 174 24.91 2.00 8.91
N ALA A 175 25.26 0.80 9.37
CA ALA A 175 24.44 0.06 10.34
C ALA A 175 24.13 0.84 11.65
N ALA A 176 25.14 1.39 12.31
CA ALA A 176 24.98 2.17 13.55
C ALA A 176 24.16 3.45 13.28
N TYR A 177 24.51 4.19 12.21
CA TYR A 177 23.86 5.43 11.82
C TYR A 177 22.36 5.16 11.55
N SER A 178 22.10 4.14 10.75
CA SER A 178 20.75 3.73 10.36
C SER A 178 19.92 3.34 11.61
N ALA A 179 20.52 2.59 12.53
CA ALA A 179 19.88 2.20 13.79
C ALA A 179 19.41 3.45 14.55
N SER A 180 20.29 4.48 14.66
CA SER A 180 19.99 5.73 15.35
C SER A 180 18.87 6.54 14.64
N LYS A 181 18.82 6.52 13.28
CA LYS A 181 17.78 7.25 12.54
C LYS A 181 16.44 6.55 12.63
N PHE A 182 16.45 5.21 12.57
CA PHE A 182 15.23 4.41 12.79
C PHE A 182 14.67 4.70 14.20
N ALA A 183 15.56 4.68 15.24
CA ALA A 183 15.19 4.99 16.63
C ALA A 183 14.47 6.34 16.74
N LEU A 184 14.94 7.36 16.01
CA LEU A 184 14.27 8.67 15.98
C LEU A 184 12.81 8.55 15.52
N ASP A 185 12.57 7.76 14.45
CA ASP A 185 11.21 7.56 13.93
C ASP A 185 10.35 6.89 15.00
N GLY A 186 10.85 5.81 15.59
CA GLY A 186 10.13 5.09 16.62
C GLY A 186 9.78 5.98 17.80
N PHE A 187 10.77 6.71 18.31
CA PHE A 187 10.54 7.58 19.47
C PHE A 187 9.60 8.74 19.17
N PHE A 188 9.94 9.56 18.17
CA PHE A 188 9.18 10.77 17.88
C PHE A 188 7.80 10.51 17.30
N SER A 189 7.61 9.39 16.57
CA SER A 189 6.27 9.10 16.05
C SER A 189 5.36 8.62 17.20
N SER A 190 5.95 7.97 18.21
CA SER A 190 5.19 7.52 19.37
C SER A 190 4.72 8.69 20.24
N ILE A 191 5.61 9.67 20.50
CA ILE A 191 5.26 10.83 21.32
C ILE A 191 4.31 11.74 20.54
N ARG A 192 4.39 11.73 19.19
CA ARG A 192 3.44 12.51 18.39
C ARG A 192 2.01 11.99 18.63
N LYS A 193 1.82 10.64 18.73
CA LYS A 193 0.50 10.04 19.02
C LYS A 193 0.05 10.46 20.42
N GLU A 194 0.98 10.42 21.40
CA GLU A 194 0.70 10.81 22.78
C GLU A 194 0.27 12.27 22.86
N TYR A 195 1.00 13.19 22.17
CA TYR A 195 0.67 14.62 22.20
C TYR A 195 -0.72 14.88 21.64
N SER A 196 -1.09 14.14 20.58
CA SER A 196 -2.40 14.24 19.91
C SER A 196 -3.54 13.95 20.90
N VAL A 197 -3.45 12.83 21.63
CA VAL A 197 -4.46 12.43 22.59
C VAL A 197 -4.39 13.26 23.87
N SER A 198 -3.18 13.74 24.26
CA SER A 198 -2.97 14.56 25.47
C SER A 198 -3.24 16.04 25.23
N ARG A 199 -3.58 16.41 23.98
CA ARG A 199 -3.86 17.77 23.55
C ARG A 199 -2.66 18.72 23.80
N VAL A 200 -1.43 18.19 23.59
CA VAL A 200 -0.19 18.96 23.67
C VAL A 200 -0.06 19.51 22.25
N ASN A 201 -0.23 20.83 22.07
CA ASN A 201 -0.18 21.46 20.74
C ASN A 201 1.25 21.76 20.28
N VAL A 202 2.09 20.73 20.25
CA VAL A 202 3.49 20.85 19.81
C VAL A 202 3.63 19.90 18.63
N SER A 203 3.90 20.44 17.43
CA SER A 203 4.02 19.59 16.25
C SER A 203 5.40 18.91 16.19
N ILE A 204 5.47 17.74 15.52
CA ILE A 204 6.71 16.97 15.36
C ILE A 204 6.87 16.64 13.87
N THR A 205 7.93 17.16 13.26
CA THR A 205 8.23 16.92 11.84
C THR A 205 9.48 16.04 11.66
N LEU A 206 9.32 14.88 11.04
CA LEU A 206 10.42 13.98 10.75
C LEU A 206 10.81 14.19 9.26
N CYS A 207 12.03 14.66 9.03
CA CYS A 207 12.56 14.98 7.72
C CYS A 207 13.36 13.83 7.17
N VAL A 208 12.89 13.23 6.08
CA VAL A 208 13.52 12.07 5.45
C VAL A 208 14.26 12.55 4.22
N LEU A 209 15.59 12.66 4.35
CA LEU A 209 16.45 13.16 3.29
C LEU A 209 17.24 12.11 2.53
N GLY A 210 17.40 12.35 1.23
CA GLY A 210 18.28 11.57 0.35
C GLY A 210 19.65 12.23 0.38
N LEU A 211 20.55 11.89 -0.56
CA LEU A 211 21.88 12.51 -0.60
C LEU A 211 21.82 14.01 -0.87
N ILE A 212 22.51 14.80 -0.02
CA ILE A 212 22.54 16.27 -0.09
C ILE A 212 23.98 16.67 -0.32
N ASP A 213 24.23 17.71 -1.17
CA ASP A 213 25.56 18.16 -1.56
C ASP A 213 26.36 18.88 -0.44
N THR A 214 26.31 18.39 0.81
CA THR A 214 27.11 18.98 1.87
C THR A 214 28.56 18.49 1.68
N GLU A 215 29.55 19.28 2.14
CA GLU A 215 30.97 18.93 2.03
C GLU A 215 31.26 17.59 2.70
N THR A 216 30.66 17.35 3.87
CA THR A 216 30.82 16.09 4.61
C THR A 216 30.36 14.88 3.79
N ALA A 217 29.13 14.93 3.23
CA ALA A 217 28.57 13.82 2.46
C ALA A 217 29.31 13.60 1.15
N MET A 218 29.69 14.69 0.45
CA MET A 218 30.40 14.58 -0.82
C MET A 218 31.79 13.96 -0.63
N LYS A 219 32.43 14.26 0.52
CA LYS A 219 33.72 13.66 0.86
C LYS A 219 33.54 12.19 1.24
N ALA A 220 32.53 11.88 2.09
CA ALA A 220 32.32 10.52 2.56
C ALA A 220 31.92 9.50 1.46
N VAL A 221 31.10 9.95 0.50
CA VAL A 221 30.62 9.09 -0.60
C VAL A 221 31.62 8.93 -1.73
N SER A 222 32.64 9.81 -1.81
CA SER A 222 33.64 9.81 -2.88
C SER A 222 34.20 8.42 -3.19
N GLY A 223 33.88 7.96 -4.40
CA GLY A 223 34.29 6.67 -4.95
C GLY A 223 33.44 5.49 -4.53
N ILE A 224 32.39 5.75 -3.73
CA ILE A 224 31.44 4.73 -3.25
C ILE A 224 30.08 5.00 -3.98
N VAL A 225 29.75 6.29 -4.27
CA VAL A 225 28.53 6.70 -5.01
C VAL A 225 28.69 8.04 -5.79
N HIS A 226 28.11 8.08 -7.03
CA HIS A 226 28.06 9.24 -7.94
C HIS A 226 26.58 9.54 -8.31
N MET A 227 25.80 9.91 -7.28
CA MET A 227 24.37 10.24 -7.42
C MET A 227 24.19 11.73 -7.77
N GLN A 228 22.92 12.15 -7.87
CA GLN A 228 22.59 13.56 -8.08
C GLN A 228 22.44 14.17 -6.69
N ALA A 229 23.45 14.95 -6.30
CA ALA A 229 23.49 15.56 -4.98
C ALA A 229 22.52 16.72 -4.92
N ALA A 230 21.41 16.52 -4.18
CA ALA A 230 20.36 17.52 -4.00
C ALA A 230 20.95 18.76 -3.35
N PRO A 231 20.58 19.98 -3.79
CA PRO A 231 21.20 21.18 -3.21
C PRO A 231 20.81 21.41 -1.76
N LYS A 232 21.81 21.70 -0.92
CA LYS A 232 21.68 21.93 0.52
C LYS A 232 20.77 23.12 0.89
N GLU A 233 20.80 24.18 0.06
CA GLU A 233 20.02 25.42 0.25
C GLU A 233 18.53 25.11 0.18
N GLU A 234 18.11 24.38 -0.86
CA GLU A 234 16.72 23.97 -1.07
C GLU A 234 16.32 22.95 0.01
N CYS A 235 17.22 22.02 0.37
CA CYS A 235 16.98 21.02 1.42
C CYS A 235 16.60 21.71 2.73
N ALA A 236 17.44 22.64 3.16
CA ALA A 236 17.29 23.45 4.37
C ALA A 236 15.96 24.17 4.42
N LEU A 237 15.53 24.76 3.30
CA LEU A 237 14.26 25.47 3.22
C LEU A 237 13.07 24.53 3.36
N GLU A 238 13.11 23.37 2.68
CA GLU A 238 12.04 22.36 2.74
C GLU A 238 11.84 21.83 4.16
N ILE A 239 12.91 21.73 4.95
CA ILE A 239 12.87 21.28 6.35
C ILE A 239 12.10 22.33 7.16
N ILE A 240 12.49 23.61 7.01
CA ILE A 240 11.85 24.74 7.68
C ILE A 240 10.36 24.83 7.32
N LYS A 241 10.04 24.70 6.00
CA LYS A 241 8.65 24.77 5.52
C LYS A 241 7.80 23.69 6.18
N GLY A 242 8.30 22.45 6.21
CA GLY A 242 7.59 21.33 6.82
C GLY A 242 7.29 21.58 8.27
N GLY A 243 8.25 22.20 8.98
CA GLY A 243 8.17 22.54 10.39
C GLY A 243 7.16 23.65 10.65
N ALA A 244 7.24 24.72 9.83
CA ALA A 244 6.33 25.86 9.90
C ALA A 244 4.90 25.42 9.54
N LEU A 245 4.74 24.51 8.57
CA LEU A 245 3.43 23.98 8.16
C LEU A 245 2.93 22.85 9.06
N ARG A 246 3.74 22.43 10.06
CA ARG A 246 3.40 21.42 11.06
C ARG A 246 3.09 20.07 10.43
N GLN A 247 3.82 19.74 9.34
CA GLN A 247 3.67 18.49 8.60
C GLN A 247 4.28 17.38 9.45
N GLU A 248 3.73 16.17 9.40
CA GLU A 248 4.25 15.06 10.19
C GLU A 248 5.59 14.59 9.63
N GLU A 249 5.67 14.48 8.30
CA GLU A 249 6.87 14.06 7.60
C GLU A 249 7.16 14.93 6.39
N VAL A 250 8.45 15.15 6.12
CA VAL A 250 8.99 15.88 4.98
C VAL A 250 9.89 14.89 4.22
N TYR A 251 9.74 14.79 2.90
CA TYR A 251 10.58 13.92 2.09
C TYR A 251 11.31 14.77 1.07
N TYR A 252 12.63 14.64 1.02
CA TYR A 252 13.43 15.43 0.09
C TYR A 252 14.55 14.62 -0.50
N ASP A 253 14.46 14.36 -1.80
CA ASP A 253 15.44 13.58 -2.56
C ASP A 253 15.40 13.97 -4.05
N SER A 254 16.51 13.74 -4.76
CA SER A 254 16.66 14.00 -6.19
C SER A 254 15.80 13.09 -7.07
N SER A 255 15.56 11.83 -6.63
CA SER A 255 14.82 10.85 -7.39
C SER A 255 13.30 10.92 -7.25
N ARG A 256 12.61 10.87 -8.41
CA ARG A 256 11.14 10.85 -8.51
C ARG A 256 10.61 9.51 -7.99
N TRP A 257 11.40 8.44 -8.17
CA TRP A 257 11.07 7.10 -7.71
C TRP A 257 11.08 7.04 -6.17
N THR A 258 11.99 7.79 -5.52
CA THR A 258 12.05 7.85 -4.07
C THR A 258 10.80 8.49 -3.52
N THR A 259 10.42 9.66 -4.01
CA THR A 259 9.21 10.36 -3.57
C THR A 259 7.94 9.52 -3.80
N LEU A 260 7.94 8.68 -4.86
CA LEU A 260 6.85 7.77 -5.18
C LEU A 260 6.77 6.58 -4.22
N LEU A 261 7.91 6.06 -3.75
CA LEU A 261 7.96 4.84 -2.94
C LEU A 261 8.20 4.99 -1.45
N ILE A 262 8.72 6.14 -1.03
CA ILE A 262 9.11 6.38 0.37
C ILE A 262 7.91 6.41 1.33
N ARG A 263 6.75 6.90 0.89
CA ARG A 263 5.58 6.97 1.75
C ARG A 263 5.09 5.58 2.15
N ASN A 264 4.52 5.47 3.34
CA ASN A 264 3.97 4.21 3.80
C ASN A 264 2.51 4.41 4.27
N PRO A 265 1.55 4.45 3.32
CA PRO A 265 0.14 4.64 3.69
C PRO A 265 -0.43 3.49 4.53
N CYS A 266 0.07 2.26 4.32
CA CYS A 266 -0.39 1.11 5.11
C CYS A 266 -0.04 1.23 6.59
N ARG A 267 1.12 1.86 6.90
CA ARG A 267 1.54 2.10 8.30
C ARG A 267 0.51 3.07 8.93
N LYS A 268 0.12 4.13 8.20
CA LYS A 268 -0.85 5.10 8.69
C LYS A 268 -2.21 4.45 8.94
N ILE A 269 -2.65 3.55 8.05
CA ILE A 269 -3.90 2.79 8.22
C ILE A 269 -3.82 1.92 9.48
N LEU A 270 -2.73 1.13 9.64
CA LEU A 270 -2.54 0.29 10.82
C LEU A 270 -2.56 1.07 12.13
N GLU A 271 -1.86 2.22 12.17
CA GLU A 271 -1.82 3.11 13.34
C GLU A 271 -3.24 3.57 13.73
N GLU A 272 -4.08 3.90 12.72
CA GLU A 272 -5.45 4.35 12.91
C GLU A 272 -6.31 3.22 13.50
N LEU A 273 -6.16 1.99 12.97
CA LEU A 273 -6.85 0.81 13.45
C LEU A 273 -6.50 0.47 14.90
N TYR A 274 -5.21 0.58 15.26
CA TYR A 274 -4.73 0.30 16.62
C TYR A 274 -5.10 1.38 17.66
N SER A 275 -5.36 2.63 17.23
CA SER A 275 -5.69 3.76 18.14
C SER A 275 -6.95 3.50 18.96
N THR A 276 -7.89 2.76 18.37
CA THR A 276 -9.18 2.36 18.92
C THR A 276 -9.07 1.45 20.15
N SER A 277 -7.92 0.75 20.31
CA SER A 277 -7.68 -0.17 21.40
C SER A 277 -7.30 0.53 22.71
N TYR A 278 -6.94 1.81 22.63
CA TYR A 278 -6.49 2.58 23.80
C TYR A 278 -7.60 3.26 24.61
N ASN A 279 -7.48 3.14 25.95
CA ASN A 279 -8.29 3.85 26.94
C ASN A 279 -7.40 5.04 27.33
N MET A 280 -7.65 6.22 26.75
CA MET A 280 -6.78 7.36 27.05
C MET A 280 -7.28 8.25 28.21
N ASP A 281 -8.56 8.09 28.61
CA ASP A 281 -9.14 8.82 29.74
C ASP A 281 -8.66 8.21 31.06
N ARG A 282 -7.32 8.31 31.31
CA ARG A 282 -6.61 7.78 32.46
C ARG A 282 -5.32 8.56 32.63
N ALA B 5 26.78 -42.03 14.07
CA ALA B 5 27.15 -40.64 13.81
C ALA B 5 28.29 -40.52 12.78
N SER B 6 29.38 -41.30 12.96
CA SER B 6 30.53 -41.33 12.04
C SER B 6 30.15 -42.04 10.73
N MET B 7 29.23 -43.03 10.82
CA MET B 7 28.71 -43.80 9.69
C MET B 7 27.49 -43.11 9.03
N THR B 8 27.08 -41.94 9.57
CA THR B 8 25.94 -41.14 9.12
C THR B 8 26.38 -39.83 8.44
N GLY B 9 25.61 -39.41 7.44
CA GLY B 9 25.84 -38.17 6.71
C GLY B 9 24.71 -37.81 5.77
N GLY B 10 24.66 -36.54 5.38
CA GLY B 10 23.65 -35.98 4.49
C GLY B 10 23.16 -34.62 4.94
N GLN B 11 22.00 -34.18 4.43
CA GLN B 11 21.39 -32.89 4.74
C GLN B 11 19.86 -32.97 4.84
N GLN B 12 19.28 -32.22 5.78
CA GLN B 12 17.83 -32.13 6.00
C GLN B 12 17.21 -31.15 4.99
N MET B 13 17.98 -30.12 4.57
CA MET B 13 17.56 -29.02 3.69
C MET B 13 17.87 -29.22 2.18
N GLY B 14 16.87 -29.69 1.45
CA GLY B 14 16.93 -29.92 0.00
C GLY B 14 15.84 -29.12 -0.71
N ARG B 15 15.19 -29.73 -1.71
CA ARG B 15 14.09 -29.10 -2.45
C ARG B 15 12.87 -28.85 -1.52
N GLY B 16 12.39 -27.60 -1.52
CA GLY B 16 11.27 -27.15 -0.70
C GLY B 16 11.61 -26.70 0.71
N SER B 17 12.88 -26.86 1.13
CA SER B 17 13.36 -26.50 2.47
C SER B 17 13.40 -24.97 2.76
N ASN B 18 13.10 -24.12 1.76
CA ASN B 18 13.01 -22.68 1.94
C ASN B 18 11.52 -22.29 2.16
N GLU B 19 10.61 -23.24 1.86
CA GLU B 19 9.16 -23.07 1.94
C GLU B 19 8.45 -23.92 3.01
N GLU B 20 8.83 -25.22 3.15
CA GLU B 20 8.17 -26.11 4.10
C GLU B 20 9.05 -26.56 5.27
N PHE B 21 8.65 -26.13 6.48
CA PHE B 21 9.32 -26.47 7.72
C PHE B 21 9.00 -27.89 8.19
N ARG B 22 10.02 -28.55 8.76
CA ARG B 22 9.91 -29.87 9.37
C ARG B 22 10.68 -29.79 10.69
N PRO B 23 10.16 -30.34 11.82
CA PRO B 23 10.91 -30.24 13.09
C PRO B 23 12.31 -30.87 13.06
N GLU B 24 12.58 -31.79 12.09
CA GLU B 24 13.87 -32.48 11.85
C GLU B 24 14.98 -31.48 11.47
N MET B 25 14.59 -30.29 10.95
CA MET B 25 15.49 -29.19 10.59
C MET B 25 16.29 -28.67 11.79
N LEU B 26 15.75 -28.84 13.03
CA LEU B 26 16.39 -28.40 14.28
C LEU B 26 17.10 -29.52 15.03
N GLN B 27 16.89 -30.80 14.62
CA GLN B 27 17.51 -31.98 15.23
C GLN B 27 19.04 -31.87 15.22
N GLY B 28 19.62 -31.86 16.42
CA GLY B 28 21.05 -31.72 16.65
C GLY B 28 21.62 -30.34 16.48
N LYS B 29 20.77 -29.32 16.19
CA LYS B 29 21.23 -27.93 16.03
C LYS B 29 21.54 -27.29 17.38
N LYS B 30 22.55 -26.43 17.42
CA LYS B 30 23.04 -25.78 18.62
C LYS B 30 22.46 -24.36 18.64
N VAL B 31 21.52 -24.12 19.59
CA VAL B 31 20.73 -22.88 19.71
C VAL B 31 20.86 -22.18 21.06
N ILE B 32 21.01 -20.85 21.01
CA ILE B 32 21.00 -19.96 22.18
C ILE B 32 19.61 -19.28 22.16
N VAL B 33 18.93 -19.18 23.32
CA VAL B 33 17.68 -18.44 23.44
C VAL B 33 17.89 -17.51 24.62
N THR B 34 17.80 -16.18 24.40
CA THR B 34 17.92 -15.22 25.50
C THR B 34 16.52 -14.91 26.01
N GLY B 35 16.40 -14.38 27.23
CA GLY B 35 15.11 -14.11 27.84
C GLY B 35 14.23 -15.34 27.80
N ALA B 36 14.82 -16.48 28.18
CA ALA B 36 14.17 -17.79 28.06
C ALA B 36 13.67 -18.40 29.36
N SER B 37 13.61 -17.62 30.45
CA SER B 37 13.12 -18.14 31.71
C SER B 37 11.56 -18.15 31.77
N LYS B 38 10.90 -17.35 30.93
CA LYS B 38 9.44 -17.24 30.84
C LYS B 38 9.01 -16.68 29.48
N GLY B 39 7.70 -16.49 29.31
CA GLY B 39 7.10 -15.94 28.11
C GLY B 39 7.42 -16.70 26.84
N ILE B 40 7.60 -15.94 25.76
CA ILE B 40 7.91 -16.49 24.43
C ILE B 40 9.26 -17.24 24.45
N GLY B 41 10.23 -16.70 25.17
CA GLY B 41 11.56 -17.32 25.27
C GLY B 41 11.55 -18.77 25.73
N ARG B 42 10.84 -19.00 26.87
CA ARG B 42 10.65 -20.34 27.47
C ARG B 42 9.93 -21.32 26.51
N GLU B 43 8.93 -20.83 25.77
CA GLU B 43 8.14 -21.61 24.81
C GLU B 43 8.99 -22.07 23.63
N MET B 44 9.89 -21.19 23.16
CA MET B 44 10.83 -21.45 22.07
C MET B 44 11.81 -22.57 22.52
N ALA B 45 12.31 -22.50 23.79
CA ALA B 45 13.23 -23.49 24.37
C ALA B 45 12.55 -24.85 24.35
N TYR B 46 11.25 -24.87 24.78
CA TYR B 46 10.43 -26.07 24.83
C TYR B 46 10.26 -26.70 23.45
N HIS B 47 9.92 -25.90 22.40
CA HIS B 47 9.80 -26.40 21.02
C HIS B 47 11.14 -26.99 20.50
N LEU B 48 12.25 -26.30 20.80
CA LEU B 48 13.62 -26.68 20.42
C LEU B 48 14.03 -28.02 21.02
N ALA B 49 13.75 -28.22 22.31
CA ALA B 49 13.98 -29.48 23.04
C ALA B 49 13.23 -30.65 22.33
N LYS B 50 11.94 -30.43 22.04
CA LYS B 50 11.05 -31.37 21.35
C LYS B 50 11.54 -31.75 19.97
N MET B 51 12.26 -30.83 19.29
CA MET B 51 12.80 -31.09 17.96
C MET B 51 14.18 -31.79 17.97
N GLY B 52 14.76 -31.97 19.16
CA GLY B 52 16.04 -32.62 19.33
C GLY B 52 17.26 -31.72 19.16
N ALA B 53 17.10 -30.42 19.49
CA ALA B 53 18.20 -29.45 19.44
C ALA B 53 18.96 -29.40 20.77
N HIS B 54 20.22 -28.92 20.71
CA HIS B 54 21.06 -28.62 21.86
C HIS B 54 20.69 -27.15 22.19
N VAL B 55 20.39 -26.83 23.46
CA VAL B 55 19.97 -25.47 23.82
C VAL B 55 20.73 -24.92 24.99
N VAL B 56 20.99 -23.60 24.94
CA VAL B 56 21.60 -22.84 26.04
C VAL B 56 20.68 -21.66 26.23
N VAL B 57 20.08 -21.58 27.41
CA VAL B 57 19.12 -20.55 27.76
C VAL B 57 19.73 -19.56 28.72
N THR B 58 19.27 -18.30 28.65
CA THR B 58 19.73 -17.25 29.55
C THR B 58 18.60 -16.30 29.92
N ALA B 59 18.78 -15.67 31.08
CA ALA B 59 17.93 -14.68 31.74
C ALA B 59 18.68 -14.37 33.04
N ARG B 60 18.17 -13.46 33.87
CA ARG B 60 18.85 -13.17 35.11
C ARG B 60 18.63 -14.27 36.17
N SER B 61 17.37 -14.81 36.32
CA SER B 61 16.99 -15.77 37.38
C SER B 61 17.44 -17.20 37.19
N LYS B 62 18.42 -17.60 38.02
CA LYS B 62 19.03 -18.92 38.08
C LYS B 62 17.95 -20.00 38.33
N GLU B 63 17.05 -19.74 39.30
CA GLU B 63 15.99 -20.65 39.71
C GLU B 63 15.03 -20.97 38.57
N THR B 64 14.51 -19.93 37.90
CA THR B 64 13.57 -20.08 36.79
C THR B 64 14.23 -20.79 35.60
N LEU B 65 15.53 -20.49 35.34
CA LEU B 65 16.30 -21.10 34.27
C LEU B 65 16.56 -22.60 34.48
N GLN B 66 16.75 -22.99 35.76
CA GLN B 66 16.93 -24.39 36.16
C GLN B 66 15.71 -25.20 35.76
N LYS B 67 14.51 -24.69 36.05
CA LYS B 67 13.24 -25.34 35.71
C LYS B 67 13.07 -25.52 34.20
N VAL B 68 13.50 -24.51 33.41
CA VAL B 68 13.42 -24.55 31.94
C VAL B 68 14.33 -25.64 31.39
N VAL B 69 15.57 -25.73 31.92
CA VAL B 69 16.56 -26.74 31.54
C VAL B 69 16.05 -28.15 31.87
N SER B 70 15.50 -28.35 33.10
CA SER B 70 14.92 -29.64 33.53
C SER B 70 13.84 -30.09 32.58
N HIS B 71 12.87 -29.18 32.27
CA HIS B 71 11.78 -29.53 31.37
C HIS B 71 12.25 -29.77 29.93
N CYS B 72 13.29 -29.04 29.48
CA CYS B 72 13.87 -29.18 28.14
C CYS B 72 14.41 -30.60 27.93
N LEU B 73 15.14 -31.10 28.95
CA LEU B 73 15.70 -32.45 28.92
C LEU B 73 14.62 -33.51 28.88
N GLU B 74 13.53 -33.32 29.67
CA GLU B 74 12.36 -34.22 29.69
C GLU B 74 11.73 -34.31 28.29
N LEU B 75 11.67 -33.15 27.57
CA LEU B 75 11.08 -33.03 26.24
C LEU B 75 11.87 -33.69 25.11
N GLY B 76 13.12 -34.04 25.40
CA GLY B 76 13.99 -34.73 24.45
C GLY B 76 15.08 -33.89 23.85
N ALA B 77 15.60 -32.90 24.61
CA ALA B 77 16.68 -32.01 24.14
C ALA B 77 17.96 -32.84 24.04
N ALA B 78 18.73 -32.66 22.93
CA ALA B 78 20.01 -33.36 22.77
C ALA B 78 20.93 -33.01 23.97
N SER B 79 20.85 -31.74 24.43
CA SER B 79 21.52 -31.21 25.62
C SER B 79 20.83 -29.90 26.00
N ALA B 80 20.87 -29.54 27.28
CA ALA B 80 20.24 -28.31 27.77
C ALA B 80 21.03 -27.75 28.93
N HIS B 81 21.38 -26.47 28.84
CA HIS B 81 22.17 -25.74 29.82
C HIS B 81 21.65 -24.32 29.97
N TYR B 82 22.02 -23.68 31.09
CA TYR B 82 21.71 -22.28 31.34
C TYR B 82 22.97 -21.56 31.83
N ILE B 83 23.01 -20.24 31.64
CA ILE B 83 24.02 -19.31 32.14
C ILE B 83 23.21 -18.10 32.55
N ALA B 84 23.21 -17.76 33.85
CA ALA B 84 22.43 -16.64 34.36
C ALA B 84 23.21 -15.34 34.39
N GLY B 85 22.53 -14.24 34.09
CA GLY B 85 23.10 -12.89 34.09
C GLY B 85 22.23 -11.78 33.50
N THR B 86 22.67 -10.52 33.71
CA THR B 86 21.98 -9.33 33.18
C THR B 86 22.57 -8.85 31.84
N MET B 87 21.69 -8.57 30.89
CA MET B 87 22.05 -8.04 29.58
C MET B 87 22.29 -6.52 29.62
N GLU B 88 22.24 -5.93 30.84
CA GLU B 88 22.63 -4.53 31.08
C GLU B 88 24.18 -4.52 31.08
N ASP B 89 24.80 -5.69 31.33
CA ASP B 89 26.24 -5.88 31.42
C ASP B 89 26.77 -6.41 30.10
N MET B 90 27.44 -5.55 29.32
CA MET B 90 27.99 -5.92 28.02
C MET B 90 29.09 -6.98 28.11
N THR B 91 29.81 -7.03 29.25
CA THR B 91 30.87 -8.04 29.49
C THR B 91 30.20 -9.40 29.64
N PHE B 92 29.09 -9.46 30.40
CA PHE B 92 28.34 -10.71 30.55
C PHE B 92 27.86 -11.18 29.19
N ALA B 93 27.28 -10.26 28.39
CA ALA B 93 26.74 -10.57 27.06
C ALA B 93 27.80 -11.24 26.19
N GLU B 94 28.99 -10.62 26.08
CA GLU B 94 30.13 -11.12 25.32
C GLU B 94 30.65 -12.48 25.83
N GLN B 95 30.81 -12.60 27.14
CA GLN B 95 31.32 -13.85 27.74
C GLN B 95 30.33 -14.99 27.65
N PHE B 96 29.04 -14.69 27.84
CA PHE B 96 27.94 -15.64 27.73
C PHE B 96 27.99 -16.43 26.41
N VAL B 97 28.20 -15.75 25.28
CA VAL B 97 28.23 -16.44 23.99
C VAL B 97 29.42 -17.42 23.91
N ALA B 98 30.61 -16.97 24.38
CA ALA B 98 31.83 -17.79 24.37
C ALA B 98 31.60 -19.10 25.12
N GLN B 99 31.08 -19.03 26.39
CA GLN B 99 30.72 -20.22 27.20
C GLN B 99 29.74 -21.12 26.46
N ALA B 100 28.55 -20.58 26.07
CA ALA B 100 27.48 -21.31 25.40
C ALA B 100 27.97 -22.11 24.18
N GLY B 101 28.85 -21.50 23.38
CA GLY B 101 29.43 -22.14 22.20
C GLY B 101 30.35 -23.31 22.54
N LYS B 102 31.10 -23.17 23.64
CA LYS B 102 32.02 -24.19 24.15
C LYS B 102 31.20 -25.36 24.66
N LEU B 103 30.05 -25.04 25.31
CA LEU B 103 29.11 -26.00 25.88
C LEU B 103 28.46 -26.91 24.87
N MET B 104 28.33 -26.45 23.62
CA MET B 104 27.68 -27.21 22.55
C MET B 104 28.64 -27.66 21.48
N GLY B 105 29.83 -27.06 21.45
CA GLY B 105 30.84 -27.33 20.44
C GLY B 105 30.48 -26.62 19.15
N GLY B 106 30.04 -25.37 19.30
CA GLY B 106 29.61 -24.51 18.20
C GLY B 106 28.27 -23.82 18.43
N LEU B 107 27.74 -23.23 17.33
CA LEU B 107 26.46 -22.51 17.35
C LEU B 107 25.88 -22.44 15.96
N ASP B 108 24.59 -22.82 15.86
CA ASP B 108 23.82 -22.80 14.62
C ASP B 108 22.78 -21.65 14.61
N MET B 109 22.21 -21.30 15.77
CA MET B 109 21.16 -20.28 15.81
C MET B 109 21.24 -19.47 17.07
N LEU B 110 21.19 -18.14 16.92
CA LEU B 110 21.22 -17.20 18.03
C LEU B 110 19.84 -16.53 18.09
N ILE B 111 19.07 -16.83 19.15
CA ILE B 111 17.72 -16.23 19.31
C ILE B 111 17.78 -15.12 20.35
N LEU B 112 17.65 -13.85 19.89
CA LEU B 112 17.75 -12.64 20.71
C LEU B 112 16.34 -12.18 21.02
N ASN B 113 15.95 -12.28 22.32
CA ASN B 113 14.56 -12.13 22.72
C ASN B 113 14.30 -11.32 23.98
N HIS B 114 15.32 -11.15 24.83
CA HIS B 114 15.13 -10.39 26.07
C HIS B 114 14.91 -8.86 25.86
N ILE B 115 14.21 -8.25 26.80
CA ILE B 115 13.97 -6.83 26.86
C ILE B 115 14.10 -6.41 28.30
N THR B 116 14.24 -5.11 28.56
CA THR B 116 14.21 -4.61 29.93
C THR B 116 12.73 -4.53 30.33
N ASN B 117 12.39 -4.68 31.63
CA ASN B 117 11.00 -4.56 32.10
C ASN B 117 10.43 -3.21 31.68
N THR B 118 9.27 -3.22 31.01
CA THR B 118 8.64 -2.02 30.46
C THR B 118 7.15 -2.01 30.76
N SER B 119 6.69 -0.87 31.27
CA SER B 119 5.27 -0.65 31.56
C SER B 119 4.74 0.43 30.59
N LEU B 120 3.42 0.48 30.35
CA LEU B 120 2.84 1.46 29.44
C LEU B 120 2.70 2.79 30.14
N ASN B 121 3.34 3.82 29.59
CA ASN B 121 3.30 5.16 30.18
C ASN B 121 3.49 6.20 29.13
N LEU B 122 2.92 7.39 29.34
CA LEU B 122 3.16 8.53 28.48
C LEU B 122 4.61 8.97 28.74
N PHE B 123 5.32 9.43 27.73
CA PHE B 123 6.68 9.88 27.93
C PHE B 123 6.68 11.28 28.50
N HIS B 124 7.42 11.47 29.60
CA HIS B 124 7.55 12.81 30.19
C HIS B 124 9.03 13.18 30.35
N ASP B 125 9.77 12.52 31.25
CA ASP B 125 11.19 12.86 31.42
C ASP B 125 12.06 11.67 31.82
N ASP B 126 11.58 10.44 31.60
CA ASP B 126 12.32 9.26 32.00
C ASP B 126 13.41 8.90 31.01
N ILE B 127 14.51 9.69 31.02
CA ILE B 127 15.68 9.46 30.19
C ILE B 127 16.39 8.17 30.61
N HIS B 128 16.30 7.80 31.92
CA HIS B 128 16.91 6.59 32.45
C HIS B 128 16.31 5.35 31.77
N HIS B 129 14.97 5.33 31.64
CA HIS B 129 14.27 4.24 30.93
C HIS B 129 14.63 4.25 29.45
N VAL B 130 14.76 5.43 28.82
CA VAL B 130 15.15 5.53 27.40
C VAL B 130 16.53 4.90 27.18
N ARG B 131 17.53 5.29 28.00
CA ARG B 131 18.90 4.75 27.92
C ARG B 131 18.95 3.24 28.20
N LYS B 132 18.26 2.78 29.27
CA LYS B 132 18.22 1.35 29.63
C LYS B 132 17.56 0.49 28.56
N SER B 133 16.49 1.02 27.93
CA SER B 133 15.80 0.33 26.84
C SER B 133 16.78 0.19 25.67
N MET B 134 17.51 1.28 25.33
CA MET B 134 18.49 1.19 24.25
C MET B 134 19.64 0.22 24.56
N GLU B 135 20.13 0.21 25.81
CA GLU B 135 21.22 -0.68 26.24
C GLU B 135 20.80 -2.16 26.22
N VAL B 136 19.70 -2.51 26.91
CA VAL B 136 19.23 -3.89 27.02
C VAL B 136 18.59 -4.39 25.74
N ASN B 137 17.60 -3.65 25.21
CA ASN B 137 16.84 -4.09 24.03
C ASN B 137 17.61 -4.04 22.73
N PHE B 138 18.61 -3.17 22.63
CA PHE B 138 19.30 -2.99 21.37
C PHE B 138 20.82 -3.26 21.45
N LEU B 139 21.53 -2.51 22.25
CA LEU B 139 22.99 -2.65 22.32
C LEU B 139 23.48 -4.05 22.68
N SER B 140 22.81 -4.69 23.66
CA SER B 140 23.21 -6.06 24.04
C SER B 140 23.00 -7.02 22.86
N TYR B 141 21.99 -6.80 22.00
CA TYR B 141 21.78 -7.66 20.83
C TYR B 141 22.97 -7.53 19.85
N VAL B 142 23.51 -6.31 19.71
CA VAL B 142 24.66 -6.04 18.82
C VAL B 142 25.91 -6.77 19.42
N VAL B 143 26.08 -6.67 20.74
CA VAL B 143 27.21 -7.28 21.47
C VAL B 143 27.16 -8.81 21.33
N LEU B 144 25.93 -9.39 21.51
CA LEU B 144 25.74 -10.83 21.38
C LEU B 144 26.04 -11.28 19.95
N THR B 145 25.60 -10.50 18.96
CA THR B 145 25.84 -10.81 17.54
C THR B 145 27.34 -10.86 17.22
N VAL B 146 28.10 -9.85 17.68
CA VAL B 146 29.55 -9.75 17.46
C VAL B 146 30.27 -10.98 18.04
N ALA B 147 29.93 -11.33 19.29
CA ALA B 147 30.48 -12.48 20.00
C ALA B 147 30.17 -13.82 19.30
N ALA B 148 28.97 -13.94 18.70
CA ALA B 148 28.49 -15.16 18.05
C ALA B 148 28.88 -15.34 16.59
N LEU B 149 29.16 -14.23 15.86
CA LEU B 149 29.40 -14.27 14.43
C LEU B 149 30.49 -15.29 13.97
N PRO B 150 31.69 -15.39 14.59
CA PRO B 150 32.66 -16.42 14.14
C PRO B 150 32.08 -17.85 14.11
N MET B 151 31.36 -18.26 15.18
CA MET B 151 30.71 -19.59 15.21
C MET B 151 29.59 -19.73 14.19
N LEU B 152 28.77 -18.66 14.02
CA LEU B 152 27.68 -18.70 13.05
C LEU B 152 28.20 -18.76 11.63
N LYS B 153 29.36 -18.14 11.38
CA LYS B 153 30.00 -18.18 10.07
C LYS B 153 30.45 -19.61 9.73
N GLN B 154 31.00 -20.33 10.73
CA GLN B 154 31.48 -21.71 10.54
C GLN B 154 30.36 -22.70 10.24
N SER B 155 29.17 -22.45 10.80
CA SER B 155 28.01 -23.32 10.60
C SER B 155 27.02 -22.81 9.56
N ASN B 156 27.26 -21.61 8.98
CA ASN B 156 26.33 -20.96 8.04
C ASN B 156 24.98 -20.83 8.79
N GLY B 157 25.09 -20.38 10.04
CA GLY B 157 24.03 -20.22 11.01
C GLY B 157 23.00 -19.13 10.75
N SER B 158 22.23 -18.81 11.80
CA SER B 158 21.10 -17.88 11.76
C SER B 158 21.00 -17.02 12.98
N ILE B 159 20.63 -15.75 12.78
CA ILE B 159 20.38 -14.81 13.88
C ILE B 159 18.88 -14.56 13.84
N VAL B 160 18.22 -14.66 14.98
CA VAL B 160 16.76 -14.42 15.05
C VAL B 160 16.55 -13.30 16.06
N VAL B 161 15.99 -12.19 15.59
CA VAL B 161 15.80 -10.98 16.39
C VAL B 161 14.29 -10.82 16.67
N VAL B 162 13.91 -10.89 17.94
CA VAL B 162 12.51 -10.75 18.32
C VAL B 162 12.15 -9.28 18.44
N SER B 163 11.31 -8.80 17.53
CA SER B 163 10.86 -7.41 17.53
C SER B 163 9.35 -7.35 17.83
N SER B 164 8.68 -6.30 17.37
CA SER B 164 7.29 -6.03 17.70
C SER B 164 6.64 -5.22 16.59
N LEU B 165 5.29 -5.15 16.57
CA LEU B 165 4.56 -4.27 15.64
C LEU B 165 4.99 -2.83 15.99
N ALA B 166 5.33 -2.57 17.29
CA ALA B 166 5.79 -1.27 17.78
C ALA B 166 7.22 -0.97 17.29
N GLY B 167 7.83 -1.89 16.55
CA GLY B 167 9.11 -1.73 15.90
C GLY B 167 8.94 -1.51 14.39
N LYS B 168 7.70 -1.34 13.93
CA LYS B 168 7.37 -1.12 12.51
C LYS B 168 6.41 0.05 12.32
N VAL B 169 5.52 0.26 13.30
CA VAL B 169 4.54 1.37 13.29
C VAL B 169 4.55 2.08 14.67
N ALA B 170 4.03 3.30 14.74
CA ALA B 170 4.00 4.08 15.98
C ALA B 170 2.86 3.66 16.88
N TYR B 171 3.14 3.58 18.18
CA TYR B 171 2.15 3.27 19.23
C TYR B 171 2.41 4.26 20.34
N PRO B 172 1.37 4.91 20.92
CA PRO B 172 1.62 5.77 22.08
C PRO B 172 1.94 4.90 23.30
N MET B 173 2.58 5.49 24.33
CA MET B 173 2.88 4.89 25.64
C MET B 173 4.06 3.93 25.68
N VAL B 174 4.76 3.77 24.55
CA VAL B 174 5.93 2.89 24.44
C VAL B 174 7.03 3.60 23.64
N ALA B 175 7.22 4.93 23.81
CA ALA B 175 8.21 5.67 23.02
C ALA B 175 9.65 5.10 23.11
N ALA B 176 10.17 4.82 24.32
CA ALA B 176 11.53 4.29 24.50
C ALA B 176 11.62 2.88 23.91
N TYR B 177 10.59 2.06 24.20
CA TYR B 177 10.52 0.68 23.78
C TYR B 177 10.53 0.62 22.26
N SER B 178 9.67 1.43 21.64
CA SER B 178 9.48 1.53 20.21
C SER B 178 10.77 1.98 19.54
N ALA B 179 11.47 2.98 20.12
CA ALA B 179 12.76 3.48 19.64
C ALA B 179 13.76 2.33 19.55
N SER B 180 13.84 1.50 20.60
CA SER B 180 14.79 0.38 20.65
C SER B 180 14.42 -0.72 19.62
N LYS B 181 13.11 -0.97 19.37
CA LYS B 181 12.68 -1.97 18.37
C LYS B 181 12.92 -1.49 16.96
N PHE B 182 12.63 -0.20 16.70
CA PHE B 182 12.93 0.41 15.39
C PHE B 182 14.46 0.32 15.12
N ALA B 183 15.28 0.66 16.15
CA ALA B 183 16.77 0.57 16.06
C ALA B 183 17.24 -0.83 15.62
N LEU B 184 16.61 -1.88 16.15
CA LEU B 184 16.92 -3.26 15.75
C LEU B 184 16.69 -3.48 14.23
N ASP B 185 15.58 -2.95 13.69
CA ASP B 185 15.30 -3.07 12.27
C ASP B 185 16.40 -2.36 11.46
N GLY B 186 16.69 -1.12 11.83
CA GLY B 186 17.72 -0.35 11.15
C GLY B 186 19.07 -1.06 11.18
N PHE B 187 19.50 -1.50 12.36
CA PHE B 187 20.79 -2.18 12.49
C PHE B 187 20.85 -3.51 11.75
N PHE B 188 19.95 -4.43 12.07
CA PHE B 188 20.00 -5.79 11.51
C PHE B 188 19.67 -5.86 10.03
N SER B 189 18.83 -4.95 9.52
CA SER B 189 18.51 -4.94 8.10
C SER B 189 19.71 -4.41 7.32
N SER B 190 20.48 -3.49 7.91
CA SER B 190 21.69 -2.97 7.28
C SER B 190 22.80 -4.03 7.20
N ILE B 191 23.05 -4.77 8.29
CA ILE B 191 24.07 -5.82 8.28
C ILE B 191 23.64 -6.98 7.39
N ARG B 192 22.32 -7.21 7.22
CA ARG B 192 21.84 -8.25 6.31
C ARG B 192 22.27 -7.91 4.87
N LYS B 193 22.19 -6.63 4.47
CA LYS B 193 22.63 -6.15 3.15
C LYS B 193 24.15 -6.34 3.00
N GLU B 194 24.91 -6.03 4.08
CA GLU B 194 26.36 -6.18 4.11
C GLU B 194 26.77 -7.64 3.93
N TYR B 195 26.12 -8.57 4.68
CA TYR B 195 26.39 -10.01 4.61
C TYR B 195 26.16 -10.54 3.20
N SER B 196 25.11 -10.05 2.53
CA SER B 196 24.75 -10.43 1.17
C SER B 196 25.88 -10.11 0.18
N VAL B 197 26.39 -8.88 0.21
CA VAL B 197 27.47 -8.44 -0.67
C VAL B 197 28.82 -9.02 -0.25
N SER B 198 29.03 -9.28 1.06
CA SER B 198 30.28 -9.84 1.63
C SER B 198 30.31 -11.37 1.57
N ARG B 199 29.22 -11.98 1.08
CA ARG B 199 29.04 -13.43 0.97
C ARG B 199 29.19 -14.15 2.33
N VAL B 200 28.70 -13.51 3.41
CA VAL B 200 28.65 -14.07 4.77
C VAL B 200 27.32 -14.85 4.77
N ASN B 201 27.39 -16.18 4.83
CA ASN B 201 26.19 -17.05 4.78
C ASN B 201 25.51 -17.22 6.15
N VAL B 202 25.15 -16.09 6.77
CA VAL B 202 24.48 -16.07 8.07
C VAL B 202 23.13 -15.35 7.85
N SER B 203 22.01 -16.05 8.04
CA SER B 203 20.70 -15.42 7.83
C SER B 203 20.30 -14.57 9.04
N ILE B 204 19.44 -13.57 8.80
CA ILE B 204 18.94 -12.65 9.85
C ILE B 204 17.41 -12.61 9.74
N THR B 205 16.69 -13.08 10.81
CA THR B 205 15.21 -13.09 10.86
C THR B 205 14.68 -12.07 11.85
N LEU B 206 13.95 -11.05 11.35
CA LEU B 206 13.33 -10.05 12.23
C LEU B 206 11.87 -10.45 12.43
N CYS B 207 11.49 -10.74 13.69
CA CYS B 207 10.16 -11.21 14.07
C CYS B 207 9.31 -10.08 14.55
N VAL B 208 8.24 -9.78 13.85
CA VAL B 208 7.34 -8.66 14.14
C VAL B 208 6.08 -9.24 14.78
N LEU B 209 5.98 -9.08 16.08
CA LEU B 209 4.87 -9.65 16.84
C LEU B 209 3.85 -8.63 17.31
N GLY B 210 2.58 -9.08 17.34
CA GLY B 210 1.48 -8.32 17.90
C GLY B 210 1.37 -8.73 19.35
N LEU B 211 0.25 -8.42 20.03
CA LEU B 211 0.07 -8.79 21.45
C LEU B 211 0.06 -10.30 21.66
N ILE B 212 0.87 -10.78 22.61
CA ILE B 212 1.00 -12.22 22.89
C ILE B 212 0.61 -12.41 24.33
N ASP B 213 -0.14 -13.51 24.64
CA ASP B 213 -0.70 -13.81 25.97
C ASP B 213 0.35 -14.19 27.04
N THR B 214 1.51 -13.52 27.08
CA THR B 214 2.48 -13.79 28.14
C THR B 214 1.98 -13.09 29.40
N GLU B 215 2.35 -13.58 30.57
CA GLU B 215 1.94 -13.01 31.87
C GLU B 215 2.36 -11.55 31.97
N THR B 216 3.61 -11.22 31.54
CA THR B 216 4.08 -9.84 31.55
C THR B 216 3.19 -8.91 30.69
N ALA B 217 2.95 -9.29 29.43
CA ALA B 217 2.12 -8.47 28.53
C ALA B 217 0.69 -8.30 29.00
N MET B 218 0.05 -9.38 29.53
CA MET B 218 -1.33 -9.36 30.03
C MET B 218 -1.47 -8.47 31.25
N LYS B 219 -0.45 -8.49 32.12
CA LYS B 219 -0.43 -7.63 33.30
C LYS B 219 -0.25 -6.17 32.89
N ALA B 220 0.71 -5.91 32.00
CA ALA B 220 1.03 -4.53 31.58
C ALA B 220 -0.11 -3.80 30.84
N VAL B 221 -0.88 -4.51 29.99
CA VAL B 221 -1.97 -3.89 29.21
C VAL B 221 -3.24 -3.68 30.00
N SER B 222 -3.41 -4.46 31.10
CA SER B 222 -4.62 -4.47 31.92
C SER B 222 -5.18 -3.08 32.23
N GLY B 223 -6.32 -2.78 31.63
CA GLY B 223 -7.05 -1.52 31.83
C GLY B 223 -6.55 -0.34 31.04
N ILE B 224 -5.53 -0.54 30.21
CA ILE B 224 -4.92 0.52 29.41
C ILE B 224 -5.18 0.28 27.93
N VAL B 225 -4.83 -0.92 27.45
CA VAL B 225 -4.98 -1.28 26.04
C VAL B 225 -5.87 -2.51 25.96
N HIS B 226 -6.86 -2.47 25.06
CA HIS B 226 -7.86 -3.50 24.83
C HIS B 226 -7.68 -4.10 23.46
N MET B 227 -6.77 -5.06 23.37
CA MET B 227 -6.43 -5.76 22.13
C MET B 227 -6.58 -7.24 22.34
N GLN B 228 -6.76 -7.96 21.24
CA GLN B 228 -6.79 -9.42 21.20
C GLN B 228 -5.31 -9.94 21.31
N ALA B 229 -5.02 -10.86 22.23
CA ALA B 229 -3.69 -11.44 22.42
C ALA B 229 -3.64 -12.78 21.69
N ALA B 230 -2.49 -13.09 21.06
CA ALA B 230 -2.32 -14.37 20.38
C ALA B 230 -1.62 -15.38 21.29
N PRO B 231 -1.77 -16.73 21.10
CA PRO B 231 -1.12 -17.68 22.02
C PRO B 231 0.40 -17.74 21.89
N LYS B 232 1.08 -17.71 23.03
CA LYS B 232 2.54 -17.73 23.14
C LYS B 232 3.23 -18.96 22.55
N GLU B 233 2.58 -20.14 22.65
CA GLU B 233 3.11 -21.43 22.19
C GLU B 233 3.25 -21.41 20.68
N GLU B 234 2.19 -20.95 19.97
CA GLU B 234 2.16 -20.84 18.53
C GLU B 234 3.15 -19.75 18.07
N CYS B 235 3.22 -18.62 18.82
CA CYS B 235 4.13 -17.51 18.53
C CYS B 235 5.57 -18.03 18.47
N ALA B 236 5.98 -18.68 19.57
CA ALA B 236 7.29 -19.29 19.75
C ALA B 236 7.72 -20.22 18.63
N LEU B 237 6.77 -21.07 18.12
CA LEU B 237 7.02 -22.00 17.00
C LEU B 237 7.22 -21.25 15.66
N GLU B 238 6.36 -20.25 15.39
CA GLU B 238 6.46 -19.44 14.16
C GLU B 238 7.80 -18.70 14.06
N ILE B 239 8.36 -18.27 15.20
CA ILE B 239 9.67 -17.59 15.28
C ILE B 239 10.76 -18.60 14.85
N ILE B 240 10.73 -19.82 15.43
CA ILE B 240 11.66 -20.91 15.11
C ILE B 240 11.59 -21.28 13.63
N LYS B 241 10.36 -21.45 13.10
CA LYS B 241 10.15 -21.79 11.70
C LYS B 241 10.79 -20.76 10.76
N GLY B 242 10.53 -19.47 11.03
CA GLY B 242 11.10 -18.38 10.22
C GLY B 242 12.61 -18.41 10.21
N GLY B 243 13.18 -18.65 11.40
CA GLY B 243 14.62 -18.80 11.59
C GLY B 243 15.16 -19.96 10.78
N ALA B 244 14.60 -21.18 10.98
CA ALA B 244 15.00 -22.42 10.28
C ALA B 244 14.86 -22.28 8.77
N LEU B 245 13.80 -21.58 8.29
CA LEU B 245 13.57 -21.33 6.88
C LEU B 245 14.39 -20.17 6.32
N ARG B 246 15.15 -19.45 7.19
CA ARG B 246 16.05 -18.33 6.82
C ARG B 246 15.27 -17.17 6.20
N GLN B 247 14.01 -16.95 6.68
CA GLN B 247 13.15 -15.88 6.18
C GLN B 247 13.69 -14.56 6.71
N GLU B 248 13.61 -13.48 5.93
CA GLU B 248 14.11 -12.18 6.36
C GLU B 248 13.24 -11.62 7.50
N GLU B 249 11.91 -11.75 7.35
CA GLU B 249 10.94 -11.27 8.35
C GLU B 249 9.85 -12.30 8.63
N VAL B 250 9.40 -12.35 9.89
CA VAL B 250 8.29 -13.18 10.38
C VAL B 250 7.24 -12.21 10.98
N TYR B 251 5.96 -12.38 10.62
CA TYR B 251 4.89 -11.54 11.15
C TYR B 251 3.89 -12.42 11.86
N TYR B 252 3.55 -12.07 13.10
CA TYR B 252 2.65 -12.89 13.87
C TYR B 252 1.76 -12.04 14.74
N ASP B 253 0.45 -12.06 14.45
CA ASP B 253 -0.56 -11.26 15.18
C ASP B 253 -1.94 -11.90 15.03
N SER B 254 -2.83 -11.63 16.00
CA SER B 254 -4.22 -12.08 16.03
C SER B 254 -5.06 -11.56 14.86
N SER B 255 -4.81 -10.32 14.40
CA SER B 255 -5.59 -9.68 13.34
C SER B 255 -5.19 -10.03 11.94
N ARG B 256 -6.21 -10.36 11.10
CA ARG B 256 -6.05 -10.68 9.68
C ARG B 256 -5.65 -9.40 8.93
N TRP B 257 -6.14 -8.24 9.40
CA TRP B 257 -5.86 -6.89 8.87
C TRP B 257 -4.35 -6.63 8.97
N THR B 258 -3.78 -6.95 10.15
CA THR B 258 -2.35 -6.74 10.41
C THR B 258 -1.52 -7.49 9.42
N THR B 259 -1.75 -8.79 9.29
CA THR B 259 -0.98 -9.63 8.36
C THR B 259 -1.11 -9.14 6.91
N LEU B 260 -2.28 -8.60 6.57
CA LEU B 260 -2.61 -8.05 5.26
C LEU B 260 -1.89 -6.72 4.98
N LEU B 261 -1.72 -5.87 6.01
CA LEU B 261 -1.18 -4.53 5.84
C LEU B 261 0.25 -4.27 6.30
N ILE B 262 0.79 -5.12 7.20
CA ILE B 262 2.11 -4.93 7.84
C ILE B 262 3.28 -4.96 6.85
N ARG B 263 3.20 -5.76 5.77
CA ARG B 263 4.30 -5.82 4.81
C ARG B 263 4.53 -4.48 4.13
N ASN B 264 5.78 -4.19 3.78
CA ASN B 264 6.11 -2.92 3.14
C ASN B 264 6.79 -3.19 1.80
N PRO B 265 6.00 -3.45 0.72
CA PRO B 265 6.62 -3.75 -0.57
C PRO B 265 7.41 -2.57 -1.15
N CYS B 266 6.99 -1.32 -0.88
CA CYS B 266 7.70 -0.13 -1.38
C CYS B 266 9.12 -0.03 -0.81
N ARG B 267 9.31 -0.45 0.47
CA ARG B 267 10.63 -0.46 1.10
C ARG B 267 11.52 -1.45 0.35
N LYS B 268 10.99 -2.64 0.04
CA LYS B 268 11.74 -3.68 -0.68
C LYS B 268 12.12 -3.21 -2.09
N ILE B 269 11.21 -2.50 -2.78
CA ILE B 269 11.48 -1.94 -4.11
C ILE B 269 12.60 -0.88 -4.03
N LEU B 270 12.50 0.09 -3.06
CA LEU B 270 13.53 1.11 -2.87
C LEU B 270 14.89 0.52 -2.60
N GLU B 271 14.96 -0.51 -1.74
CA GLU B 271 16.21 -1.20 -1.42
C GLU B 271 16.85 -1.84 -2.68
N GLU B 272 16.03 -2.43 -3.56
CA GLU B 272 16.48 -3.02 -4.82
C GLU B 272 17.04 -1.93 -5.77
N LEU B 273 16.35 -0.78 -5.85
CA LEU B 273 16.78 0.35 -6.68
C LEU B 273 18.13 0.91 -6.21
N TYR B 274 18.32 1.02 -4.88
CA TYR B 274 19.55 1.54 -4.27
C TYR B 274 20.69 0.49 -4.25
N SER B 275 20.34 -0.84 -4.30
CA SER B 275 21.27 -1.98 -4.21
C SER B 275 22.43 -1.97 -5.21
N THR B 276 22.18 -1.49 -6.43
CA THR B 276 23.19 -1.40 -7.49
C THR B 276 24.07 -0.16 -7.23
N SER B 277 23.43 1.03 -7.19
CA SER B 277 23.94 2.40 -7.03
C SER B 277 25.31 2.60 -6.34
N TYR B 278 25.64 1.82 -5.30
CA TYR B 278 26.90 1.95 -4.56
C TYR B 278 27.98 0.96 -4.96
N ASN B 279 29.23 1.44 -4.93
CA ASN B 279 30.45 0.67 -5.15
C ASN B 279 30.93 0.25 -3.75
N MET B 280 30.55 -0.95 -3.31
CA MET B 280 30.92 -1.43 -1.98
C MET B 280 32.24 -2.23 -1.97
N ASP B 281 32.72 -2.67 -3.15
CA ASP B 281 33.97 -3.44 -3.28
C ASP B 281 35.17 -2.49 -3.19
N ARG B 282 35.31 -1.89 -2.01
CA ARG B 282 36.33 -0.90 -1.66
C ARG B 282 36.50 -0.94 -0.13
N ALA C 5 -20.29 43.56 -20.16
CA ALA C 5 -19.90 42.23 -20.63
C ALA C 5 -18.77 42.28 -21.66
N SER C 6 -18.89 43.18 -22.67
CA SER C 6 -17.88 43.40 -23.72
C SER C 6 -16.63 44.09 -23.13
N MET C 7 -16.86 44.97 -22.13
CA MET C 7 -15.85 45.75 -21.39
C MET C 7 -15.31 44.96 -20.18
N THR C 8 -15.77 43.70 -20.01
CA THR C 8 -15.38 42.82 -18.90
C THR C 8 -14.54 41.63 -19.39
N GLY C 9 -13.58 41.23 -18.57
CA GLY C 9 -12.69 40.10 -18.82
C GLY C 9 -11.89 39.71 -17.59
N GLY C 10 -11.35 38.50 -17.60
CA GLY C 10 -10.56 37.97 -16.49
C GLY C 10 -10.79 36.51 -16.20
N GLN C 11 -10.17 35.99 -15.13
CA GLN C 11 -10.24 34.59 -14.71
C GLN C 11 -10.49 34.43 -13.22
N GLN C 12 -11.34 33.44 -12.84
CA GLN C 12 -11.66 33.12 -11.45
C GLN C 12 -10.60 32.21 -10.83
N MET C 13 -9.89 31.42 -11.67
CA MET C 13 -8.89 30.43 -11.24
C MET C 13 -7.44 30.91 -11.27
N GLY C 14 -6.95 31.29 -10.11
CA GLY C 14 -5.58 31.76 -9.93
C GLY C 14 -4.83 30.94 -8.88
N ARG C 15 -4.03 31.60 -8.02
CA ARG C 15 -3.30 30.90 -6.96
C ARG C 15 -4.29 30.34 -5.93
N GLY C 16 -4.13 29.05 -5.60
CA GLY C 16 -4.96 28.32 -4.65
C GLY C 16 -6.21 27.69 -5.24
N SER C 17 -6.50 27.98 -6.53
CA SER C 17 -7.69 27.47 -7.23
C SER C 17 -7.68 25.94 -7.49
N ASN C 18 -6.58 25.24 -7.15
CA ASN C 18 -6.47 23.79 -7.28
C ASN C 18 -6.79 23.14 -5.90
N GLU C 19 -6.79 23.98 -4.85
CA GLU C 19 -7.00 23.58 -3.47
C GLU C 19 -8.29 24.12 -2.83
N GLU C 20 -8.63 25.43 -3.03
CA GLU C 20 -9.78 26.05 -2.39
C GLU C 20 -10.91 26.44 -3.35
N PHE C 21 -12.06 25.78 -3.18
CA PHE C 21 -13.24 26.01 -3.99
C PHE C 21 -14.01 27.26 -3.53
N ARG C 22 -14.57 27.99 -4.50
CA ARG C 22 -15.43 29.15 -4.33
C ARG C 22 -16.57 28.98 -5.31
N PRO C 23 -17.83 29.27 -4.92
CA PRO C 23 -18.95 29.12 -5.89
C PRO C 23 -18.83 29.97 -7.16
N GLU C 24 -18.03 31.06 -7.12
CA GLU C 24 -17.81 31.96 -8.26
C GLU C 24 -17.01 31.31 -9.39
N MET C 25 -16.36 30.13 -9.10
CA MET C 25 -15.66 29.30 -10.07
C MET C 25 -16.63 28.74 -11.13
N LEU C 26 -17.94 28.64 -10.80
CA LEU C 26 -18.96 28.11 -11.72
C LEU C 26 -19.79 29.21 -12.39
N GLN C 27 -19.66 30.48 -11.92
CA GLN C 27 -20.37 31.63 -12.45
C GLN C 27 -20.11 31.83 -13.95
N GLY C 28 -21.17 31.74 -14.74
CA GLY C 28 -21.08 31.86 -16.20
C GLY C 28 -20.54 30.62 -16.93
N LYS C 29 -20.25 29.52 -16.20
CA LYS C 29 -19.77 28.28 -16.82
C LYS C 29 -20.92 27.53 -17.47
N LYS C 30 -20.62 26.82 -18.56
CA LYS C 30 -21.62 26.11 -19.38
C LYS C 30 -21.55 24.63 -19.01
N VAL C 31 -22.55 24.15 -18.26
CA VAL C 31 -22.58 22.81 -17.69
C VAL C 31 -23.76 21.96 -18.15
N ILE C 32 -23.46 20.68 -18.48
CA ILE C 32 -24.46 19.68 -18.81
C ILE C 32 -24.56 18.78 -17.58
N VAL C 33 -25.80 18.45 -17.12
CA VAL C 33 -26.00 17.50 -16.01
C VAL C 33 -26.96 16.47 -16.57
N THR C 34 -26.55 15.19 -16.56
CA THR C 34 -27.45 14.12 -17.03
C THR C 34 -28.10 13.49 -15.82
N GLY C 35 -29.22 12.80 -16.03
CA GLY C 35 -30.00 12.23 -14.93
C GLY C 35 -30.30 13.31 -13.91
N ALA C 36 -30.74 14.48 -14.39
CA ALA C 36 -30.93 15.67 -13.55
C ALA C 36 -32.38 15.99 -13.21
N SER C 37 -33.32 15.07 -13.43
CA SER C 37 -34.73 15.36 -13.10
C SER C 37 -35.01 15.03 -11.62
N LYS C 38 -34.07 14.34 -10.96
CA LYS C 38 -34.18 13.94 -9.57
C LYS C 38 -32.84 13.56 -8.93
N GLY C 39 -32.90 13.16 -7.67
CA GLY C 39 -31.76 12.70 -6.92
C GLY C 39 -30.58 13.65 -6.92
N ILE C 40 -29.37 13.10 -7.00
CA ILE C 40 -28.11 13.84 -6.99
C ILE C 40 -28.01 14.82 -8.18
N GLY C 41 -28.47 14.38 -9.35
CA GLY C 41 -28.42 15.19 -10.56
C GLY C 41 -29.20 16.49 -10.42
N ARG C 42 -30.45 16.43 -9.89
CA ARG C 42 -31.26 17.63 -9.65
C ARG C 42 -30.57 18.55 -8.63
N GLU C 43 -29.98 17.97 -7.55
CA GLU C 43 -29.26 18.75 -6.53
C GLU C 43 -28.06 19.46 -7.18
N MET C 44 -27.33 18.79 -8.09
CA MET C 44 -26.21 19.41 -8.80
C MET C 44 -26.77 20.55 -9.69
N ALA C 45 -27.88 20.33 -10.44
CA ALA C 45 -28.48 21.40 -11.27
C ALA C 45 -28.79 22.66 -10.41
N TYR C 46 -29.37 22.47 -9.20
CA TYR C 46 -29.73 23.54 -8.27
C TYR C 46 -28.51 24.27 -7.67
N HIS C 47 -27.41 23.55 -7.39
CA HIS C 47 -26.20 24.22 -6.89
C HIS C 47 -25.63 25.08 -7.99
N LEU C 48 -25.54 24.52 -9.22
CA LEU C 48 -24.97 25.26 -10.34
C LEU C 48 -25.78 26.52 -10.67
N ALA C 49 -27.10 26.44 -10.53
CA ALA C 49 -28.07 27.51 -10.72
C ALA C 49 -27.75 28.65 -9.73
N LYS C 50 -27.58 28.31 -8.44
CA LYS C 50 -27.24 29.23 -7.36
C LYS C 50 -25.89 29.88 -7.60
N MET C 51 -24.98 29.14 -8.24
CA MET C 51 -23.63 29.61 -8.57
C MET C 51 -23.65 30.50 -9.83
N GLY C 52 -24.81 30.64 -10.47
CA GLY C 52 -24.97 31.46 -11.67
C GLY C 52 -24.34 30.85 -12.90
N ALA C 53 -24.42 29.52 -13.01
CA ALA C 53 -23.93 28.83 -14.20
C ALA C 53 -25.04 28.78 -15.25
N HIS C 54 -24.67 28.47 -16.53
CA HIS C 54 -25.62 28.16 -17.61
C HIS C 54 -25.76 26.62 -17.51
N VAL C 55 -26.99 26.09 -17.47
CA VAL C 55 -27.17 24.66 -17.37
C VAL C 55 -28.08 24.08 -18.47
N VAL C 56 -27.77 22.85 -18.89
CA VAL C 56 -28.61 22.06 -19.78
C VAL C 56 -28.77 20.73 -19.06
N VAL C 57 -30.00 20.41 -18.70
CA VAL C 57 -30.31 19.20 -17.95
C VAL C 57 -31.00 18.19 -18.84
N THR C 58 -30.79 16.90 -18.57
CA THR C 58 -31.45 15.84 -19.33
C THR C 58 -31.84 14.69 -18.40
N ALA C 59 -32.79 13.88 -18.90
CA ALA C 59 -33.44 12.70 -18.32
C ALA C 59 -34.56 12.36 -19.33
N ARG C 60 -35.33 11.31 -19.08
CA ARG C 60 -36.41 10.98 -20.01
C ARG C 60 -37.66 11.83 -19.86
N SER C 61 -38.01 12.25 -18.64
CA SER C 61 -39.28 12.93 -18.37
C SER C 61 -39.23 14.43 -18.60
N LYS C 62 -39.87 14.90 -19.68
CA LYS C 62 -39.94 16.34 -20.01
C LYS C 62 -40.65 17.14 -18.92
N GLU C 63 -41.67 16.53 -18.24
CA GLU C 63 -42.43 17.21 -17.17
C GLU C 63 -41.56 17.50 -15.96
N THR C 64 -40.81 16.50 -15.49
CA THR C 64 -39.94 16.64 -14.31
C THR C 64 -38.79 17.60 -14.61
N LEU C 65 -38.24 17.58 -15.85
CA LEU C 65 -37.15 18.46 -16.29
C LEU C 65 -37.63 19.91 -16.38
N GLN C 66 -38.90 20.14 -16.76
CA GLN C 66 -39.51 21.47 -16.83
C GLN C 66 -39.46 22.11 -15.44
N LYS C 67 -39.83 21.35 -14.40
CA LYS C 67 -39.83 21.85 -13.02
C LYS C 67 -38.41 22.21 -12.59
N VAL C 68 -37.40 21.39 -12.98
CA VAL C 68 -35.99 21.62 -12.63
C VAL C 68 -35.51 22.92 -13.26
N VAL C 69 -35.83 23.12 -14.54
CA VAL C 69 -35.46 24.31 -15.31
C VAL C 69 -36.10 25.58 -14.69
N SER C 70 -37.40 25.52 -14.32
CA SER C 70 -38.11 26.64 -13.69
C SER C 70 -37.43 27.01 -12.40
N HIS C 71 -37.15 26.02 -11.55
CA HIS C 71 -36.53 26.29 -10.26
C HIS C 71 -35.09 26.81 -10.39
N CYS C 72 -34.31 26.33 -11.40
CA CYS C 72 -32.92 26.76 -11.65
C CYS C 72 -32.91 28.25 -11.95
N LEU C 73 -33.83 28.69 -12.81
CA LEU C 73 -33.96 30.11 -13.16
C LEU C 73 -34.30 30.97 -11.94
N GLU C 74 -35.20 30.49 -11.05
CA GLU C 74 -35.55 31.18 -9.79
C GLU C 74 -34.31 31.31 -8.89
N LEU C 75 -33.44 30.26 -8.84
CA LEU C 75 -32.21 30.21 -8.04
C LEU C 75 -31.10 31.11 -8.51
N GLY C 76 -31.21 31.56 -9.74
CA GLY C 76 -30.24 32.49 -10.29
C GLY C 76 -29.36 31.95 -11.38
N ALA C 77 -29.81 30.94 -12.14
CA ALA C 77 -28.96 30.41 -13.22
C ALA C 77 -28.85 31.46 -14.32
N ALA C 78 -27.66 31.57 -14.96
CA ALA C 78 -27.43 32.48 -16.08
C ALA C 78 -28.39 32.13 -17.24
N SER C 79 -28.65 30.83 -17.44
CA SER C 79 -29.62 30.24 -18.39
C SER C 79 -29.89 28.82 -17.96
N ALA C 80 -31.08 28.29 -18.30
CA ALA C 80 -31.43 26.92 -17.95
C ALA C 80 -32.34 26.35 -19.01
N HIS C 81 -31.98 25.18 -19.53
CA HIS C 81 -32.72 24.47 -20.58
C HIS C 81 -32.72 22.97 -20.32
N TYR C 82 -33.65 22.27 -20.96
CA TYR C 82 -33.71 20.81 -20.90
C TYR C 82 -33.88 20.25 -22.31
N ILE C 83 -33.47 18.99 -22.48
CA ILE C 83 -33.64 18.19 -23.69
C ILE C 83 -33.96 16.80 -23.13
N ALA C 84 -35.14 16.29 -23.46
CA ALA C 84 -35.60 15.00 -22.94
C ALA C 84 -35.28 13.86 -23.90
N GLY C 85 -34.94 12.73 -23.32
CA GLY C 85 -34.65 11.54 -24.09
C GLY C 85 -34.02 10.43 -23.29
N THR C 86 -33.94 9.25 -23.89
CA THR C 86 -33.35 8.10 -23.25
C THR C 86 -31.90 7.89 -23.65
N MET C 87 -31.05 7.60 -22.66
CA MET C 87 -29.63 7.31 -22.87
C MET C 87 -29.41 5.85 -23.30
N GLU C 88 -30.50 5.11 -23.55
CA GLU C 88 -30.49 3.78 -24.17
C GLU C 88 -30.21 4.00 -25.69
N ASP C 89 -30.53 5.20 -26.17
CA ASP C 89 -30.40 5.61 -27.55
C ASP C 89 -29.10 6.39 -27.74
N MET C 90 -28.11 5.75 -28.39
CA MET C 90 -26.80 6.37 -28.63
C MET C 90 -26.87 7.58 -29.58
N THR C 91 -27.87 7.61 -30.46
CA THR C 91 -28.07 8.73 -31.39
C THR C 91 -28.55 9.93 -30.57
N PHE C 92 -29.47 9.70 -29.62
CA PHE C 92 -29.93 10.77 -28.78
C PHE C 92 -28.76 11.33 -27.99
N ALA C 93 -27.93 10.45 -27.37
CA ALA C 93 -26.78 10.84 -26.57
C ALA C 93 -25.86 11.79 -27.35
N GLU C 94 -25.47 11.39 -28.56
CA GLU C 94 -24.62 12.15 -29.48
C GLU C 94 -25.23 13.50 -29.88
N GLN C 95 -26.50 13.49 -30.30
CA GLN C 95 -27.17 14.71 -30.74
C GLN C 95 -27.46 15.67 -29.61
N PHE C 96 -27.82 15.14 -28.43
CA PHE C 96 -28.08 15.92 -27.23
C PHE C 96 -26.89 16.89 -26.90
N VAL C 97 -25.66 16.39 -26.95
CA VAL C 97 -24.47 17.19 -26.63
C VAL C 97 -24.31 18.37 -27.63
N ALA C 98 -24.51 18.11 -28.94
CA ALA C 98 -24.44 19.17 -29.97
C ALA C 98 -25.48 20.28 -29.71
N GLN C 99 -26.74 19.88 -29.40
CA GLN C 99 -27.86 20.77 -29.12
C GLN C 99 -27.66 21.51 -27.82
N ALA C 100 -27.13 20.84 -26.78
CA ALA C 100 -26.83 21.48 -25.49
C ALA C 100 -25.76 22.56 -25.67
N GLY C 101 -24.69 22.21 -26.40
CA GLY C 101 -23.58 23.11 -26.73
C GLY C 101 -24.07 24.31 -27.52
N LYS C 102 -25.02 24.12 -28.46
CA LYS C 102 -25.60 25.22 -29.24
C LYS C 102 -26.41 26.18 -28.36
N LEU C 103 -27.22 25.63 -27.45
CA LEU C 103 -28.02 26.43 -26.52
C LEU C 103 -27.17 27.34 -25.66
N MET C 104 -26.02 26.83 -25.20
CA MET C 104 -25.14 27.55 -24.29
C MET C 104 -24.02 28.34 -24.98
N GLY C 105 -23.70 27.97 -26.23
CA GLY C 105 -22.63 28.57 -26.99
C GLY C 105 -21.27 28.02 -26.57
N GLY C 106 -21.25 26.77 -26.15
CA GLY C 106 -20.02 26.12 -25.73
C GLY C 106 -20.26 25.15 -24.59
N LEU C 107 -19.19 24.61 -24.04
CA LEU C 107 -19.30 23.67 -22.92
C LEU C 107 -18.05 23.69 -22.08
N ASP C 108 -18.21 23.87 -20.76
CA ASP C 108 -17.11 23.89 -19.80
C ASP C 108 -17.05 22.62 -18.92
N MET C 109 -18.21 22.04 -18.61
CA MET C 109 -18.24 20.85 -17.75
C MET C 109 -19.34 19.90 -18.18
N LEU C 110 -18.98 18.62 -18.30
CA LEU C 110 -19.92 17.56 -18.66
C LEU C 110 -20.10 16.68 -17.43
N ILE C 111 -21.29 16.72 -16.82
CA ILE C 111 -21.56 15.91 -15.64
C ILE C 111 -22.39 14.70 -16.04
N LEU C 112 -21.76 13.51 -15.96
CA LEU C 112 -22.31 12.21 -16.37
C LEU C 112 -22.80 11.47 -15.13
N ASN C 113 -24.14 11.49 -14.90
CA ASN C 113 -24.76 11.03 -13.65
C ASN C 113 -25.87 9.97 -13.77
N HIS C 114 -26.60 9.91 -14.91
CA HIS C 114 -27.65 8.94 -15.13
C HIS C 114 -27.24 7.46 -15.06
N ILE C 115 -28.16 6.61 -14.62
CA ILE C 115 -28.03 5.16 -14.64
C ILE C 115 -29.39 4.61 -15.06
N THR C 116 -29.44 3.34 -15.49
CA THR C 116 -30.72 2.67 -15.79
C THR C 116 -31.32 2.31 -14.41
N ASN C 117 -32.64 2.26 -14.27
CA ASN C 117 -33.32 1.89 -13.02
C ASN C 117 -32.82 0.51 -12.61
N THR C 118 -32.38 0.41 -11.36
CA THR C 118 -31.74 -0.80 -10.84
C THR C 118 -32.31 -1.12 -9.49
N SER C 119 -32.59 -2.41 -9.26
CA SER C 119 -33.08 -2.88 -7.98
C SER C 119 -32.07 -3.90 -7.44
N LEU C 120 -32.06 -4.13 -6.11
CA LEU C 120 -31.15 -5.10 -5.52
C LEU C 120 -31.69 -6.52 -5.72
N ASN C 121 -30.93 -7.38 -6.38
CA ASN C 121 -31.33 -8.76 -6.64
C ASN C 121 -30.12 -9.62 -6.84
N LEU C 122 -30.26 -10.91 -6.47
CA LEU C 122 -29.23 -11.90 -6.73
C LEU C 122 -29.21 -12.14 -8.23
N PHE C 123 -28.03 -12.35 -8.79
CA PHE C 123 -27.92 -12.57 -10.22
C PHE C 123 -28.27 -14.02 -10.52
N HIS C 124 -29.17 -14.23 -11.46
CA HIS C 124 -29.51 -15.58 -11.90
C HIS C 124 -29.38 -15.72 -13.41
N ASP C 125 -30.24 -15.06 -14.18
CA ASP C 125 -30.14 -15.15 -15.66
C ASP C 125 -30.58 -13.88 -16.40
N ASP C 126 -30.60 -12.74 -15.68
CA ASP C 126 -31.01 -11.48 -16.29
C ASP C 126 -29.87 -10.83 -17.11
N ILE C 127 -29.59 -11.42 -18.29
CA ILE C 127 -28.61 -10.91 -19.25
C ILE C 127 -29.10 -9.56 -19.84
N HIS C 128 -30.42 -9.43 -19.99
CA HIS C 128 -31.03 -8.21 -20.49
C HIS C 128 -30.62 -7.02 -19.58
N HIS C 129 -30.71 -7.18 -18.24
CA HIS C 129 -30.33 -6.13 -17.30
C HIS C 129 -28.82 -5.88 -17.37
N VAL C 130 -28.01 -6.92 -17.57
CA VAL C 130 -26.56 -6.78 -17.69
C VAL C 130 -26.21 -5.90 -18.92
N ARG C 131 -26.82 -6.22 -20.09
CA ARG C 131 -26.61 -5.46 -21.33
C ARG C 131 -27.12 -4.02 -21.22
N LYS C 132 -28.33 -3.81 -20.66
CA LYS C 132 -28.91 -2.48 -20.50
C LYS C 132 -28.09 -1.61 -19.54
N SER C 133 -27.59 -2.20 -18.45
CA SER C 133 -26.71 -1.50 -17.50
C SER C 133 -25.43 -1.07 -18.23
N MET C 134 -24.85 -1.95 -19.03
CA MET C 134 -23.64 -1.59 -19.77
C MET C 134 -23.91 -0.49 -20.81
N GLU C 135 -25.06 -0.55 -21.50
CA GLU C 135 -25.44 0.44 -22.51
C GLU C 135 -25.69 1.81 -21.90
N VAL C 136 -26.57 1.88 -20.91
CA VAL C 136 -26.97 3.16 -20.28
C VAL C 136 -25.87 3.70 -19.34
N ASN C 137 -25.40 2.87 -18.41
CA ASN C 137 -24.45 3.33 -17.38
C ASN C 137 -23.05 3.56 -17.88
N PHE C 138 -22.66 2.88 -18.98
CA PHE C 138 -21.29 2.98 -19.45
C PHE C 138 -21.18 3.48 -20.88
N LEU C 139 -21.75 2.77 -21.87
CA LEU C 139 -21.59 3.14 -23.26
C LEU C 139 -22.06 4.55 -23.58
N SER C 140 -23.21 4.95 -23.01
CA SER C 140 -23.72 6.30 -23.26
C SER C 140 -22.74 7.36 -22.74
N TYR C 141 -22.03 7.08 -21.62
CA TYR C 141 -21.03 8.03 -21.09
C TYR C 141 -19.87 8.21 -22.07
N VAL C 142 -19.46 7.13 -22.76
CA VAL C 142 -18.39 7.17 -23.76
C VAL C 142 -18.86 8.00 -24.96
N VAL C 143 -20.12 7.78 -25.39
CA VAL C 143 -20.74 8.48 -26.54
C VAL C 143 -20.83 9.96 -26.23
N LEU C 144 -21.28 10.32 -25.00
CA LEU C 144 -21.40 11.70 -24.57
C LEU C 144 -20.03 12.36 -24.54
N THR C 145 -19.00 11.65 -24.05
CA THR C 145 -17.63 12.16 -23.99
C THR C 145 -17.09 12.48 -25.40
N VAL C 146 -17.25 11.55 -26.36
CA VAL C 146 -16.78 11.74 -27.76
C VAL C 146 -17.42 13.00 -28.36
N ALA C 147 -18.75 13.13 -28.21
CA ALA C 147 -19.55 14.27 -28.70
C ALA C 147 -19.11 15.59 -28.06
N ALA C 148 -18.74 15.56 -26.76
CA ALA C 148 -18.36 16.76 -26.00
C ALA C 148 -16.92 17.19 -26.09
N LEU C 149 -16.00 16.26 -26.38
CA LEU C 149 -14.56 16.54 -26.36
C LEU C 149 -14.10 17.78 -27.21
N PRO C 150 -14.54 17.99 -28.48
CA PRO C 150 -14.13 19.21 -29.19
C PRO C 150 -14.46 20.50 -28.42
N MET C 151 -15.67 20.62 -27.82
CA MET C 151 -16.05 21.80 -27.02
C MET C 151 -15.26 21.89 -25.73
N LEU C 152 -15.03 20.76 -25.06
CA LEU C 152 -14.27 20.74 -23.82
C LEU C 152 -12.81 21.10 -24.07
N LYS C 153 -12.27 20.76 -25.26
CA LYS C 153 -10.90 21.09 -25.63
C LYS C 153 -10.77 22.61 -25.79
N GLN C 154 -11.78 23.26 -26.42
CA GLN C 154 -11.79 24.71 -26.64
C GLN C 154 -11.79 25.51 -25.32
N SER C 155 -12.47 24.98 -24.29
CA SER C 155 -12.60 25.66 -23.02
C SER C 155 -11.67 25.12 -21.94
N ASN C 156 -10.85 24.08 -22.23
CA ASN C 156 -10.00 23.40 -21.25
C ASN C 156 -10.92 22.91 -20.10
N GLY C 157 -12.04 22.32 -20.52
CA GLY C 157 -13.12 21.86 -19.67
C GLY C 157 -12.85 20.67 -18.79
N SER C 158 -13.94 20.11 -18.25
CA SER C 158 -13.92 19.00 -17.30
C SER C 158 -15.00 17.97 -17.57
N ILE C 159 -14.66 16.70 -17.39
CA ILE C 159 -15.61 15.61 -17.45
C ILE C 159 -15.77 15.10 -16.02
N VAL C 160 -17.01 15.00 -15.53
CA VAL C 160 -17.31 14.52 -14.16
C VAL C 160 -18.12 13.24 -14.32
N VAL C 161 -17.55 12.12 -13.87
CA VAL C 161 -18.16 10.78 -14.00
C VAL C 161 -18.62 10.33 -12.61
N VAL C 162 -19.92 10.21 -12.44
CA VAL C 162 -20.48 9.80 -11.16
C VAL C 162 -20.44 8.26 -11.06
N SER C 163 -19.63 7.77 -10.13
CA SER C 163 -19.49 6.33 -9.93
C SER C 163 -19.98 5.97 -8.52
N SER C 164 -19.46 4.88 -7.93
CA SER C 164 -19.95 4.36 -6.67
C SER C 164 -18.84 3.57 -5.99
N LEU C 165 -19.02 3.27 -4.68
CA LEU C 165 -18.11 2.37 -3.94
C LEU C 165 -18.19 0.99 -4.63
N ALA C 166 -19.37 0.67 -5.23
CA ALA C 166 -19.59 -0.58 -5.98
C ALA C 166 -18.83 -0.60 -7.32
N GLY C 167 -18.19 0.51 -7.65
CA GLY C 167 -17.31 0.67 -8.80
C GLY C 167 -15.84 0.57 -8.42
N LYS C 168 -15.57 0.23 -7.14
CA LYS C 168 -14.17 0.11 -6.62
C LYS C 168 -13.99 -1.19 -5.83
N VAL C 169 -15.04 -1.65 -5.14
CA VAL C 169 -15.04 -2.91 -4.36
C VAL C 169 -16.29 -3.73 -4.73
N ALA C 170 -16.27 -5.04 -4.46
CA ALA C 170 -17.41 -5.90 -4.80
C ALA C 170 -18.52 -5.80 -3.77
N TYR C 171 -19.77 -5.84 -4.23
CA TYR C 171 -20.97 -5.83 -3.41
C TYR C 171 -21.91 -6.90 -3.99
N PRO C 172 -22.54 -7.75 -3.16
CA PRO C 172 -23.55 -8.67 -3.72
C PRO C 172 -24.83 -7.90 -4.09
N MET C 173 -25.67 -8.49 -4.95
CA MET C 173 -27.00 -8.03 -5.39
C MET C 173 -26.99 -6.89 -6.42
N VAL C 174 -25.80 -6.47 -6.88
CA VAL C 174 -25.65 -5.40 -7.89
C VAL C 174 -24.57 -5.78 -8.91
N ALA C 175 -24.53 -7.06 -9.33
CA ALA C 175 -23.48 -7.54 -10.26
C ALA C 175 -23.38 -6.75 -11.56
N ALA C 176 -24.51 -6.53 -12.25
CA ALA C 176 -24.56 -5.79 -13.51
C ALA C 176 -24.16 -4.32 -13.33
N TYR C 177 -24.73 -3.68 -12.30
CA TYR C 177 -24.47 -2.28 -11.96
C TYR C 177 -23.00 -2.11 -11.65
N SER C 178 -22.47 -2.99 -10.79
CA SER C 178 -21.06 -2.96 -10.37
C SER C 178 -20.12 -3.13 -11.59
N ALA C 179 -20.46 -4.05 -12.50
CA ALA C 179 -19.69 -4.27 -13.74
C ALA C 179 -19.62 -2.96 -14.55
N SER C 180 -20.75 -2.28 -14.72
CA SER C 180 -20.82 -1.01 -15.43
C SER C 180 -19.99 0.11 -14.75
N LYS C 181 -20.00 0.18 -13.40
CA LYS C 181 -19.23 1.20 -12.65
C LYS C 181 -17.74 0.93 -12.71
N PHE C 182 -17.35 -0.36 -12.61
CA PHE C 182 -15.94 -0.75 -12.77
C PHE C 182 -15.47 -0.36 -14.19
N ALA C 183 -16.31 -0.65 -15.23
CA ALA C 183 -16.02 -0.31 -16.63
C ALA C 183 -15.68 1.18 -16.78
N LEU C 184 -16.45 2.06 -16.11
CA LEU C 184 -16.19 3.50 -16.10
C LEU C 184 -14.79 3.82 -15.60
N ASP C 185 -14.37 3.18 -14.50
CA ASP C 185 -13.03 3.42 -13.96
C ASP C 185 -11.97 2.98 -14.99
N GLY C 186 -12.10 1.78 -15.54
CA GLY C 186 -11.18 1.30 -16.54
C GLY C 186 -11.09 2.22 -17.75
N PHE C 187 -12.24 2.59 -18.30
CA PHE C 187 -12.25 3.47 -19.47
C PHE C 187 -11.72 4.88 -19.19
N PHE C 188 -12.31 5.58 -18.23
CA PHE C 188 -11.96 6.99 -17.96
C PHE C 188 -10.57 7.17 -17.35
N SER C 189 -10.08 6.18 -16.59
CA SER C 189 -8.73 6.28 -16.05
C SER C 189 -7.71 6.07 -17.17
N SER C 190 -8.04 5.24 -18.17
CA SER C 190 -7.14 5.01 -19.30
C SER C 190 -7.05 6.24 -20.20
N ILE C 191 -8.19 6.90 -20.53
CA ILE C 191 -8.16 8.09 -21.38
C ILE C 191 -7.54 9.26 -20.61
N ARG C 192 -7.64 9.27 -19.26
CA ARG C 192 -6.97 10.29 -18.45
C ARG C 192 -5.45 10.22 -18.67
N LYS C 193 -4.87 9.02 -18.72
CA LYS C 193 -3.45 8.79 -19.00
C LYS C 193 -3.10 9.27 -20.41
N GLU C 194 -3.97 8.96 -21.40
CA GLU C 194 -3.77 9.40 -22.79
C GLU C 194 -3.77 10.92 -22.91
N TYR C 195 -4.76 11.61 -22.27
CA TYR C 195 -4.87 13.07 -22.30
C TYR C 195 -3.63 13.72 -21.69
N SER C 196 -3.09 13.12 -20.61
CA SER C 196 -1.88 13.59 -19.90
C SER C 196 -0.67 13.62 -20.84
N VAL C 197 -0.41 12.51 -21.54
CA VAL C 197 0.71 12.42 -22.48
C VAL C 197 0.46 13.22 -23.77
N SER C 198 -0.82 13.37 -24.18
CA SER C 198 -1.21 14.12 -25.38
C SER C 198 -1.38 15.62 -25.12
N ARG C 199 -1.22 16.04 -23.85
CA ARG C 199 -1.41 17.42 -23.37
C ARG C 199 -2.81 17.97 -23.71
N VAL C 200 -3.84 17.10 -23.60
CA VAL C 200 -5.25 17.48 -23.79
C VAL C 200 -5.62 17.99 -22.39
N ASN C 201 -5.87 19.30 -22.28
CA ASN C 201 -6.20 19.95 -20.99
C ASN C 201 -7.68 19.82 -20.63
N VAL C 202 -8.16 18.55 -20.56
CA VAL C 202 -9.53 18.26 -20.19
C VAL C 202 -9.44 17.34 -18.98
N SER C 203 -9.90 17.79 -17.82
CA SER C 203 -9.79 16.99 -16.60
C SER C 203 -10.88 15.92 -16.55
N ILE C 204 -10.62 14.82 -15.83
CA ILE C 204 -11.56 13.71 -15.65
C ILE C 204 -11.65 13.41 -14.16
N THR C 205 -12.85 13.61 -13.59
CA THR C 205 -13.13 13.37 -12.18
C THR C 205 -14.05 12.14 -12.00
N LEU C 206 -13.54 11.11 -11.31
CA LEU C 206 -14.35 9.93 -11.00
C LEU C 206 -14.81 10.05 -9.54
N CYS C 207 -16.12 10.13 -9.35
CA CYS C 207 -16.75 10.33 -8.05
C CYS C 207 -17.19 9.01 -7.48
N VAL C 208 -16.62 8.64 -6.36
CA VAL C 208 -16.86 7.35 -5.69
C VAL C 208 -17.75 7.63 -4.50
N LEU C 209 -19.03 7.32 -4.67
CA LEU C 209 -20.01 7.58 -3.63
C LEU C 209 -20.47 6.33 -2.87
N GLY C 210 -20.75 6.53 -1.58
CA GLY C 210 -21.38 5.55 -0.71
C GLY C 210 -22.88 5.79 -0.77
N LEU C 211 -23.68 5.22 0.16
CA LEU C 211 -25.15 5.39 0.14
C LEU C 211 -25.57 6.85 0.35
N ILE C 212 -26.43 7.36 -0.54
CA ILE C 212 -26.93 8.75 -0.54
C ILE C 212 -28.45 8.68 -0.39
N ASP C 213 -29.03 9.59 0.44
CA ASP C 213 -30.46 9.62 0.76
C ASP C 213 -31.40 10.05 -0.41
N THR C 214 -31.14 9.58 -1.64
CA THR C 214 -32.06 9.88 -2.75
C THR C 214 -33.30 9.00 -2.59
N GLU C 215 -34.47 9.46 -3.09
CA GLU C 215 -35.72 8.69 -3.02
C GLU C 215 -35.57 7.31 -3.65
N THR C 216 -34.94 7.24 -4.84
CA THR C 216 -34.69 5.97 -5.52
C THR C 216 -33.88 5.01 -4.64
N ALA C 217 -32.77 5.48 -4.06
CA ALA C 217 -31.91 4.63 -3.23
C ALA C 217 -32.59 4.14 -1.99
N MET C 218 -33.28 5.05 -1.30
CA MET C 218 -33.97 4.74 -0.04
C MET C 218 -35.09 3.74 -0.27
N LYS C 219 -35.75 3.82 -1.43
CA LYS C 219 -36.80 2.86 -1.79
C LYS C 219 -36.15 1.50 -2.12
N ALA C 220 -35.08 1.50 -2.93
CA ALA C 220 -34.41 0.26 -3.34
C ALA C 220 -33.78 -0.56 -2.20
N VAL C 221 -33.19 0.10 -1.19
CA VAL C 221 -32.53 -0.57 -0.08
C VAL C 221 -33.50 -1.07 0.99
N SER C 222 -34.69 -0.43 1.07
CA SER C 222 -35.70 -0.72 2.10
C SER C 222 -35.92 -2.22 2.36
N GLY C 223 -35.52 -2.66 3.54
CA GLY C 223 -35.66 -4.03 4.00
C GLY C 223 -34.63 -5.02 3.50
N ILE C 224 -33.64 -4.53 2.74
CA ILE C 224 -32.58 -5.37 2.18
C ILE C 224 -31.25 -4.98 2.76
N VAL C 225 -30.92 -3.70 2.71
CA VAL C 225 -29.64 -3.21 3.20
C VAL C 225 -29.94 -2.16 4.26
N HIS C 226 -29.28 -2.28 5.41
CA HIS C 226 -29.39 -1.38 6.53
C HIS C 226 -28.03 -0.73 6.77
N MET C 227 -27.84 0.47 6.24
CA MET C 227 -26.58 1.22 6.37
C MET C 227 -26.83 2.72 6.34
N GLN C 228 -25.84 3.51 6.74
CA GLN C 228 -25.98 4.96 6.81
C GLN C 228 -26.00 5.57 5.43
N ALA C 229 -26.90 6.54 5.23
CA ALA C 229 -27.06 7.28 4.00
C ALA C 229 -26.58 8.70 4.25
N ALA C 230 -25.78 9.26 3.34
CA ALA C 230 -25.28 10.62 3.43
C ALA C 230 -26.25 11.61 2.72
N PRO C 231 -26.31 12.91 3.09
CA PRO C 231 -27.26 13.84 2.43
C PRO C 231 -26.93 14.15 0.97
N LYS C 232 -27.95 14.11 0.11
CA LYS C 232 -27.84 14.36 -1.33
C LYS C 232 -27.34 15.74 -1.72
N GLU C 233 -27.71 16.77 -0.94
CA GLU C 233 -27.36 18.18 -1.16
C GLU C 233 -25.86 18.37 -1.04
N GLU C 234 -25.26 17.83 0.05
CA GLU C 234 -23.84 17.89 0.31
C GLU C 234 -23.08 17.01 -0.70
N CYS C 235 -23.64 15.82 -1.04
CA CYS C 235 -23.03 14.93 -2.04
C CYS C 235 -22.84 15.66 -3.38
N ALA C 236 -23.93 16.27 -3.88
CA ALA C 236 -23.99 17.04 -5.11
C ALA C 236 -22.95 18.16 -5.15
N LEU C 237 -22.78 18.88 -4.02
CA LEU C 237 -21.80 19.95 -3.95
C LEU C 237 -20.36 19.44 -4.05
N GLU C 238 -20.06 18.35 -3.33
CA GLU C 238 -18.72 17.74 -3.31
C GLU C 238 -18.30 17.23 -4.70
N ILE C 239 -19.27 16.78 -5.52
CA ILE C 239 -19.03 16.32 -6.89
C ILE C 239 -18.64 17.53 -7.75
N ILE C 240 -19.40 18.63 -7.64
CA ILE C 240 -19.13 19.90 -8.34
C ILE C 240 -17.74 20.44 -7.96
N LYS C 241 -17.43 20.48 -6.65
CA LYS C 241 -16.15 20.97 -6.14
C LYS C 241 -14.99 20.20 -6.74
N GLY C 242 -15.08 18.86 -6.72
CA GLY C 242 -14.05 17.99 -7.29
C GLY C 242 -13.81 18.25 -8.77
N GLY C 243 -14.88 18.45 -9.53
CA GLY C 243 -14.80 18.79 -10.95
C GLY C 243 -14.18 20.18 -11.16
N ALA C 244 -14.68 21.20 -10.43
CA ALA C 244 -14.15 22.57 -10.53
C ALA C 244 -12.67 22.61 -10.13
N LEU C 245 -12.26 21.81 -9.12
CA LEU C 245 -10.87 21.71 -8.68
C LEU C 245 -10.04 20.77 -9.53
N ARG C 246 -10.66 20.07 -10.54
CA ARG C 246 -9.98 19.17 -11.47
C ARG C 246 -9.31 17.98 -10.77
N GLN C 247 -9.90 17.52 -9.65
CA GLN C 247 -9.40 16.37 -8.88
C GLN C 247 -9.63 15.09 -9.70
N GLU C 248 -8.73 14.11 -9.61
CA GLU C 248 -8.87 12.86 -10.36
C GLU C 248 -10.00 12.03 -9.81
N GLU C 249 -10.10 11.96 -8.47
CA GLU C 249 -11.11 11.21 -7.77
C GLU C 249 -11.69 11.98 -6.58
N VAL C 250 -12.98 11.81 -6.35
CA VAL C 250 -13.74 12.38 -5.24
C VAL C 250 -14.32 11.19 -4.48
N TYR C 251 -14.16 11.17 -3.15
CA TYR C 251 -14.73 10.09 -2.33
C TYR C 251 -15.72 10.71 -1.37
N TYR C 252 -16.94 10.18 -1.32
CA TYR C 252 -17.96 10.74 -0.45
C TYR C 252 -18.81 9.65 0.13
N ASP C 253 -18.65 9.43 1.44
CA ASP C 253 -19.35 8.39 2.18
C ASP C 253 -19.49 8.78 3.67
N SER C 254 -20.49 8.18 4.35
CA SER C 254 -20.78 8.36 5.76
C SER C 254 -19.69 7.78 6.67
N SER C 255 -19.00 6.71 6.25
CA SER C 255 -17.99 6.04 7.07
C SER C 255 -16.58 6.59 6.99
N ARG C 256 -15.97 6.77 8.16
CA ARG C 256 -14.58 7.23 8.33
C ARG C 256 -13.61 6.12 7.87
N TRP C 257 -14.04 4.84 8.04
CA TRP C 257 -13.25 3.68 7.62
C TRP C 257 -13.16 3.61 6.10
N THR C 258 -14.23 4.00 5.38
CA THR C 258 -14.24 4.05 3.92
C THR C 258 -13.21 5.06 3.44
N THR C 259 -13.25 6.29 3.92
CA THR C 259 -12.32 7.34 3.50
C THR C 259 -10.86 6.94 3.80
N LEU C 260 -10.65 6.20 4.88
CA LEU C 260 -9.35 5.68 5.29
C LEU C 260 -8.83 4.56 4.38
N LEU C 261 -9.74 3.68 3.88
CA LEU C 261 -9.30 2.51 3.11
C LEU C 261 -9.51 2.54 1.61
N ILE C 262 -10.42 3.42 1.11
CA ILE C 262 -10.85 3.45 -0.29
C ILE C 262 -9.73 3.82 -1.26
N ARG C 263 -8.79 4.67 -0.85
CA ARG C 263 -7.69 5.05 -1.75
C ARG C 263 -6.79 3.85 -2.11
N ASN C 264 -6.21 3.86 -3.30
CA ASN C 264 -5.34 2.77 -3.69
C ASN C 264 -3.98 3.33 -4.13
N PRO C 265 -3.08 3.64 -3.16
CA PRO C 265 -1.76 4.19 -3.52
C PRO C 265 -0.90 3.22 -4.33
N CYS C 266 -1.03 1.92 -4.10
CA CYS C 266 -0.25 0.92 -4.86
C CYS C 266 -0.61 0.89 -6.34
N ARG C 267 -1.89 1.17 -6.69
CA ARG C 267 -2.33 1.24 -8.07
C ARG C 267 -1.63 2.43 -8.73
N LYS C 268 -1.58 3.60 -8.03
CA LYS C 268 -0.91 4.81 -8.53
C LYS C 268 0.59 4.57 -8.76
N ILE C 269 1.24 3.83 -7.84
CA ILE C 269 2.66 3.47 -7.97
C ILE C 269 2.87 2.58 -9.20
N LEU C 270 2.03 1.51 -9.36
CA LEU C 270 2.15 0.60 -10.50
C LEU C 270 1.95 1.33 -11.83
N GLU C 271 0.97 2.24 -11.90
CA GLU C 271 0.71 3.02 -13.12
C GLU C 271 1.95 3.88 -13.52
N GLU C 272 2.63 4.49 -12.51
CA GLU C 272 3.86 5.27 -12.70
C GLU C 272 5.00 4.37 -13.21
N LEU C 273 5.16 3.18 -12.63
CA LEU C 273 6.18 2.21 -13.04
C LEU C 273 5.98 1.74 -14.48
N TYR C 274 4.72 1.48 -14.88
CA TYR C 274 4.36 1.02 -16.22
C TYR C 274 4.48 2.09 -17.30
N SER C 275 4.34 3.39 -16.94
CA SER C 275 4.41 4.51 -17.88
C SER C 275 5.73 4.56 -18.69
N THR C 276 6.82 4.12 -18.04
CA THR C 276 8.19 4.06 -18.54
C THR C 276 8.35 3.09 -19.74
N SER C 277 7.46 2.10 -19.86
CA SER C 277 7.49 1.10 -20.92
C SER C 277 6.98 1.62 -22.27
N TYR C 278 6.25 2.74 -22.25
CA TYR C 278 5.66 3.34 -23.45
C TYR C 278 6.62 4.23 -24.26
N GLU D 19 -4.18 -25.77 -0.93
CA GLU D 19 -2.84 -25.24 -0.66
C GLU D 19 -1.77 -25.71 -1.67
N GLU D 20 -1.64 -27.04 -1.89
CA GLU D 20 -0.61 -27.56 -2.80
C GLU D 20 -1.20 -28.29 -4.02
N PHE D 21 -0.88 -27.76 -5.21
CA PHE D 21 -1.37 -28.32 -6.49
C PHE D 21 -0.66 -29.59 -6.87
N ARG D 22 -1.42 -30.54 -7.44
CA ARG D 22 -0.93 -31.81 -7.99
C ARG D 22 -1.63 -31.99 -9.33
N PRO D 23 -0.92 -32.40 -10.41
CA PRO D 23 -1.61 -32.57 -11.72
C PRO D 23 -2.80 -33.56 -11.71
N GLU D 24 -2.85 -34.45 -10.69
CA GLU D 24 -3.90 -35.46 -10.48
C GLU D 24 -5.25 -34.80 -10.23
N MET D 25 -5.23 -33.53 -9.76
CA MET D 25 -6.43 -32.72 -9.49
C MET D 25 -7.28 -32.50 -10.73
N LEU D 26 -6.67 -32.57 -11.94
CA LEU D 26 -7.37 -32.39 -13.21
C LEU D 26 -7.70 -33.70 -13.93
N GLN D 27 -7.12 -34.83 -13.46
CA GLN D 27 -7.35 -36.17 -14.02
C GLN D 27 -8.85 -36.51 -14.03
N GLY D 28 -9.36 -36.74 -15.23
CA GLY D 28 -10.77 -37.06 -15.47
C GLY D 28 -11.75 -35.91 -15.33
N LYS D 29 -11.27 -34.68 -15.08
CA LYS D 29 -12.14 -33.50 -14.97
C LYS D 29 -12.64 -33.05 -16.34
N LYS D 30 -13.86 -32.51 -16.37
CA LYS D 30 -14.52 -32.03 -17.60
C LYS D 30 -14.33 -30.51 -17.71
N VAL D 31 -13.49 -30.09 -18.67
CA VAL D 31 -13.08 -28.69 -18.81
C VAL D 31 -13.38 -28.09 -20.17
N ILE D 32 -13.91 -26.86 -20.17
CA ILE D 32 -14.13 -26.05 -21.36
C ILE D 32 -13.01 -25.01 -21.35
N VAL D 33 -12.34 -24.77 -22.51
CA VAL D 33 -11.36 -23.70 -22.66
C VAL D 33 -11.84 -22.88 -23.86
N THR D 34 -12.14 -21.57 -23.68
CA THR D 34 -12.52 -20.72 -24.81
C THR D 34 -11.27 -20.01 -25.31
N GLY D 35 -11.31 -19.53 -26.55
CA GLY D 35 -10.17 -18.88 -27.20
C GLY D 35 -8.96 -19.80 -27.15
N ALA D 36 -9.19 -21.10 -27.47
CA ALA D 36 -8.18 -22.16 -27.33
C ALA D 36 -7.48 -22.63 -28.62
N SER D 37 -7.60 -21.87 -29.73
CA SER D 37 -6.96 -22.19 -31.01
C SER D 37 -5.47 -21.75 -31.05
N LYS D 38 -5.14 -20.69 -30.33
CA LYS D 38 -3.79 -20.13 -30.23
C LYS D 38 -3.56 -19.55 -28.84
N GLY D 39 -2.37 -19.01 -28.62
CA GLY D 39 -1.91 -18.35 -27.40
C GLY D 39 -2.07 -19.10 -26.10
N ILE D 40 -2.47 -18.38 -25.05
CA ILE D 40 -2.62 -18.95 -23.70
C ILE D 40 -3.69 -20.06 -23.65
N GLY D 41 -4.80 -19.88 -24.38
CA GLY D 41 -5.89 -20.85 -24.43
C GLY D 41 -5.43 -22.20 -24.93
N ARG D 42 -4.68 -22.24 -26.05
CA ARG D 42 -4.09 -23.48 -26.60
C ARG D 42 -3.13 -24.10 -25.59
N GLU D 43 -2.30 -23.28 -24.93
CA GLU D 43 -1.35 -23.79 -23.93
C GLU D 43 -2.08 -24.45 -22.76
N MET D 44 -3.25 -23.89 -22.39
CA MET D 44 -4.08 -24.43 -21.32
C MET D 44 -4.67 -25.76 -21.74
N ALA D 45 -5.08 -25.88 -23.01
CA ALA D 45 -5.66 -27.12 -23.53
C ALA D 45 -4.63 -28.25 -23.47
N TYR D 46 -3.38 -27.96 -23.89
CA TYR D 46 -2.23 -28.90 -23.87
C TYR D 46 -1.87 -29.38 -22.49
N HIS D 47 -1.81 -28.45 -21.49
CA HIS D 47 -1.53 -28.77 -20.10
C HIS D 47 -2.61 -29.70 -19.58
N LEU D 48 -3.90 -29.36 -19.85
CA LEU D 48 -5.04 -30.18 -19.41
C LEU D 48 -5.00 -31.57 -20.00
N ALA D 49 -4.67 -31.67 -21.29
CA ALA D 49 -4.56 -32.92 -22.02
C ALA D 49 -3.48 -33.83 -21.34
N LYS D 50 -2.32 -33.24 -21.00
CA LYS D 50 -1.21 -33.88 -20.29
C LYS D 50 -1.60 -34.41 -18.91
N MET D 51 -2.56 -33.74 -18.24
CA MET D 51 -3.05 -34.11 -16.91
C MET D 51 -4.18 -35.15 -17.00
N GLY D 52 -4.59 -35.48 -18.23
CA GLY D 52 -5.61 -36.49 -18.46
C GLY D 52 -7.03 -36.03 -18.18
N ALA D 53 -7.33 -34.78 -18.56
CA ALA D 53 -8.66 -34.25 -18.39
C ALA D 53 -9.43 -34.49 -19.67
N HIS D 54 -10.76 -34.30 -19.63
CA HIS D 54 -11.65 -34.31 -20.80
C HIS D 54 -11.73 -32.83 -21.17
N VAL D 55 -11.51 -32.48 -22.45
CA VAL D 55 -11.52 -31.08 -22.86
C VAL D 55 -12.41 -30.80 -24.03
N VAL D 56 -13.06 -29.62 -24.01
CA VAL D 56 -13.85 -29.10 -25.12
C VAL D 56 -13.29 -27.71 -25.36
N VAL D 57 -12.71 -27.51 -26.53
CA VAL D 57 -12.09 -26.25 -26.91
C VAL D 57 -12.95 -25.51 -27.91
N THR D 58 -12.89 -24.17 -27.90
CA THR D 58 -13.63 -23.35 -28.84
C THR D 58 -12.79 -22.15 -29.27
N ALA D 59 -13.15 -21.60 -30.44
CA ALA D 59 -12.61 -20.42 -31.14
C ALA D 59 -13.37 -20.39 -32.48
N ARG D 60 -13.09 -19.42 -33.35
CA ARG D 60 -13.77 -19.32 -34.64
C ARG D 60 -13.17 -20.26 -35.71
N SER D 61 -11.85 -20.53 -35.67
CA SER D 61 -11.25 -21.35 -36.73
C SER D 61 -11.32 -22.86 -36.50
N LYS D 62 -12.16 -23.53 -37.30
CA LYS D 62 -12.37 -24.98 -37.30
C LYS D 62 -11.04 -25.74 -37.53
N GLU D 63 -10.27 -25.27 -38.52
CA GLU D 63 -8.99 -25.87 -38.92
C GLU D 63 -7.96 -25.85 -37.80
N THR D 64 -7.77 -24.67 -37.17
CA THR D 64 -6.80 -24.54 -36.08
C THR D 64 -7.24 -25.37 -34.87
N LEU D 65 -8.57 -25.42 -34.62
CA LEU D 65 -9.16 -26.19 -33.51
C LEU D 65 -8.91 -27.69 -33.68
N GLN D 66 -9.02 -28.20 -34.92
CA GLN D 66 -8.78 -29.59 -35.28
C GLN D 66 -7.38 -30.02 -34.87
N LYS D 67 -6.38 -29.19 -35.18
CA LYS D 67 -4.99 -29.45 -34.83
C LYS D 67 -4.79 -29.50 -33.31
N VAL D 68 -5.49 -28.63 -32.57
CA VAL D 68 -5.38 -28.56 -31.10
C VAL D 68 -5.94 -29.86 -30.51
N VAL D 69 -7.11 -30.31 -31.00
CA VAL D 69 -7.79 -31.53 -30.56
C VAL D 69 -6.89 -32.77 -30.83
N SER D 70 -6.31 -32.87 -32.06
CA SER D 70 -5.40 -33.96 -32.45
C SER D 70 -4.22 -34.03 -31.51
N HIS D 71 -3.56 -32.88 -31.26
CA HIS D 71 -2.41 -32.80 -30.35
C HIS D 71 -2.78 -33.12 -28.90
N CYS D 72 -3.99 -32.71 -28.44
CA CYS D 72 -4.48 -32.93 -27.08
C CYS D 72 -4.58 -34.44 -26.81
N LEU D 73 -5.15 -35.17 -27.78
CA LEU D 73 -5.29 -36.64 -27.70
C LEU D 73 -3.93 -37.32 -27.65
N GLU D 74 -2.96 -36.87 -28.46
CA GLU D 74 -1.57 -37.38 -28.46
C GLU D 74 -0.92 -37.20 -27.10
N LEU D 75 -1.21 -36.05 -26.41
CA LEU D 75 -0.66 -35.68 -25.11
C LEU D 75 -1.25 -36.48 -23.94
N GLY D 76 -2.35 -37.20 -24.19
CA GLY D 76 -2.96 -38.04 -23.18
C GLY D 76 -4.28 -37.56 -22.61
N ALA D 77 -5.06 -36.78 -23.38
CA ALA D 77 -6.36 -36.30 -22.90
C ALA D 77 -7.30 -37.48 -22.78
N ALA D 78 -8.18 -37.49 -21.75
CA ALA D 78 -9.19 -38.54 -21.55
C ALA D 78 -10.16 -38.55 -22.72
N SER D 79 -10.48 -37.35 -23.25
CA SER D 79 -11.28 -37.07 -24.46
C SER D 79 -10.99 -35.63 -24.89
N ALA D 80 -11.14 -35.34 -26.19
CA ALA D 80 -10.91 -33.99 -26.71
C ALA D 80 -11.82 -33.73 -27.88
N HIS D 81 -12.54 -32.60 -27.81
CA HIS D 81 -13.48 -32.17 -28.83
C HIS D 81 -13.38 -30.65 -29.04
N TYR D 82 -13.89 -30.18 -30.17
CA TYR D 82 -13.99 -28.77 -30.47
C TYR D 82 -15.39 -28.46 -30.99
N ILE D 83 -15.81 -27.20 -30.85
CA ILE D 83 -17.05 -26.65 -31.41
C ILE D 83 -16.63 -25.25 -31.84
N ALA D 84 -16.73 -24.96 -33.14
CA ALA D 84 -16.31 -23.68 -33.71
C ALA D 84 -17.46 -22.70 -33.81
N GLY D 85 -17.15 -21.41 -33.61
CA GLY D 85 -18.11 -20.33 -33.68
C GLY D 85 -17.60 -19.06 -33.02
N THR D 86 -18.33 -17.94 -33.21
CA THR D 86 -17.99 -16.64 -32.68
C THR D 86 -18.72 -16.30 -31.38
N MET D 87 -17.98 -15.73 -30.42
CA MET D 87 -18.54 -15.28 -29.14
C MET D 87 -19.19 -13.90 -29.23
N GLU D 88 -19.28 -13.36 -30.47
CA GLU D 88 -20.07 -12.15 -30.78
C GLU D 88 -21.55 -12.61 -30.81
N ASP D 89 -21.79 -13.90 -31.05
CA ASP D 89 -23.12 -14.50 -31.15
C ASP D 89 -23.50 -15.12 -29.80
N MET D 90 -24.43 -14.47 -29.07
CA MET D 90 -24.88 -14.93 -27.75
C MET D 90 -25.61 -16.27 -27.81
N THR D 91 -26.25 -16.58 -28.94
CA THR D 91 -26.97 -17.85 -29.17
C THR D 91 -25.95 -18.96 -29.26
N PHE D 92 -24.84 -18.72 -30.02
CA PHE D 92 -23.77 -19.70 -30.11
C PHE D 92 -23.20 -19.96 -28.71
N ALA D 93 -22.91 -18.87 -27.94
CA ALA D 93 -22.32 -18.96 -26.60
C ALA D 93 -23.13 -19.87 -25.71
N GLU D 94 -24.45 -19.63 -25.63
CA GLU D 94 -25.40 -20.43 -24.85
C GLU D 94 -25.49 -21.91 -25.33
N GLN D 95 -25.61 -22.13 -26.65
CA GLN D 95 -25.72 -23.48 -27.22
C GLN D 95 -24.46 -24.26 -27.12
N PHE D 96 -23.30 -23.59 -27.26
CA PHE D 96 -21.98 -24.17 -27.13
C PHE D 96 -21.82 -24.91 -25.79
N VAL D 97 -22.20 -24.26 -24.67
CA VAL D 97 -22.04 -24.84 -23.34
C VAL D 97 -22.90 -26.14 -23.19
N ALA D 98 -24.14 -26.12 -23.70
CA ALA D 98 -25.06 -27.27 -23.66
C ALA D 98 -24.46 -28.45 -24.40
N GLN D 99 -23.93 -28.18 -25.61
CA GLN D 99 -23.30 -29.17 -26.47
C GLN D 99 -21.99 -29.67 -25.90
N ALA D 100 -21.21 -28.79 -25.27
CA ALA D 100 -19.94 -29.17 -24.63
C ALA D 100 -20.23 -30.05 -23.41
N GLY D 101 -21.25 -29.67 -22.64
CA GLY D 101 -21.69 -30.43 -21.49
C GLY D 101 -22.25 -31.80 -21.84
N LYS D 102 -22.95 -31.92 -23.02
CA LYS D 102 -23.52 -33.18 -23.55
C LYS D 102 -22.43 -34.17 -23.90
N LEU D 103 -21.37 -33.71 -24.59
CA LEU D 103 -20.23 -34.49 -25.00
C LEU D 103 -19.46 -35.07 -23.82
N MET D 104 -19.35 -34.31 -22.74
CA MET D 104 -18.59 -34.78 -21.58
C MET D 104 -19.47 -35.40 -20.47
N GLY D 105 -20.77 -35.18 -20.53
CA GLY D 105 -21.72 -35.66 -19.53
C GLY D 105 -21.57 -34.89 -18.23
N GLY D 106 -21.34 -33.58 -18.35
CA GLY D 106 -21.16 -32.68 -17.22
C GLY D 106 -20.07 -31.66 -17.44
N LEU D 107 -19.72 -30.95 -16.36
CA LEU D 107 -18.72 -29.89 -16.41
C LEU D 107 -18.17 -29.61 -15.03
N ASP D 108 -16.84 -29.60 -14.91
CA ASP D 108 -16.12 -29.33 -13.68
C ASP D 108 -15.45 -27.94 -13.70
N MET D 109 -14.98 -27.49 -14.87
CA MET D 109 -14.28 -26.20 -14.95
C MET D 109 -14.59 -25.49 -16.26
N LEU D 110 -14.96 -24.21 -16.15
CA LEU D 110 -15.25 -23.35 -17.29
C LEU D 110 -14.13 -22.31 -17.37
N ILE D 111 -13.29 -22.40 -18.41
CA ILE D 111 -12.18 -21.46 -18.57
C ILE D 111 -12.54 -20.47 -19.65
N LEU D 112 -12.77 -19.21 -19.22
CA LEU D 112 -13.20 -18.10 -20.08
C LEU D 112 -11.98 -17.29 -20.40
N ASN D 113 -11.53 -17.33 -21.67
CA ASN D 113 -10.24 -16.76 -22.06
C ASN D 113 -10.25 -15.96 -23.36
N HIS D 114 -11.22 -16.18 -24.25
CA HIS D 114 -11.28 -15.45 -25.51
C HIS D 114 -11.48 -13.90 -25.36
N ILE D 115 -11.00 -13.12 -26.34
CA ILE D 115 -11.22 -11.68 -26.41
C ILE D 115 -11.43 -11.35 -27.86
N THR D 116 -11.91 -10.14 -28.17
CA THR D 116 -12.03 -9.69 -29.55
C THR D 116 -10.62 -9.20 -29.95
N ASN D 117 -10.25 -9.28 -31.26
CA ASN D 117 -8.93 -8.79 -31.73
C ASN D 117 -8.78 -7.32 -31.33
N THR D 118 -7.66 -6.98 -30.67
CA THR D 118 -7.40 -5.65 -30.14
C THR D 118 -5.97 -5.23 -30.48
N SER D 119 -5.80 -3.98 -30.84
CA SER D 119 -4.47 -3.43 -31.15
C SER D 119 -4.30 -2.21 -30.24
N LEU D 120 -3.07 -1.72 -30.02
CA LEU D 120 -2.84 -0.57 -29.16
C LEU D 120 -3.15 0.70 -29.92
N ASN D 121 -4.08 1.52 -29.40
CA ASN D 121 -4.46 2.78 -30.04
C ASN D 121 -4.95 3.76 -29.01
N LEU D 122 -4.74 5.05 -29.26
CA LEU D 122 -5.30 6.11 -28.41
C LEU D 122 -6.81 6.11 -28.73
N PHE D 123 -7.63 6.42 -27.72
CA PHE D 123 -9.06 6.43 -27.95
C PHE D 123 -9.47 7.74 -28.58
N HIS D 124 -10.19 7.66 -29.71
CA HIS D 124 -10.70 8.86 -30.37
C HIS D 124 -12.22 8.76 -30.56
N ASP D 125 -12.71 7.89 -31.45
CA ASP D 125 -14.17 7.81 -31.65
C ASP D 125 -14.66 6.41 -32.06
N ASP D 126 -13.85 5.37 -31.77
CA ASP D 126 -14.21 4.01 -32.16
C ASP D 126 -15.18 3.38 -31.17
N ILE D 127 -16.46 3.84 -31.19
CA ILE D 127 -17.51 3.31 -30.34
C ILE D 127 -17.83 1.85 -30.71
N HIS D 128 -17.64 1.49 -32.00
CA HIS D 128 -17.85 0.12 -32.48
C HIS D 128 -16.90 -0.86 -31.77
N HIS D 129 -15.62 -0.49 -31.63
CA HIS D 129 -14.66 -1.30 -30.88
C HIS D 129 -15.01 -1.34 -29.39
N VAL D 130 -15.50 -0.22 -28.81
CA VAL D 130 -15.91 -0.19 -27.39
C VAL D 130 -17.04 -1.20 -27.15
N ARG D 131 -18.08 -1.17 -28.01
CA ARG D 131 -19.24 -2.07 -27.90
C ARG D 131 -18.85 -3.54 -28.14
N LYS D 132 -18.02 -3.81 -29.18
CA LYS D 132 -17.57 -5.16 -29.48
C LYS D 132 -16.70 -5.76 -28.36
N SER D 133 -15.83 -4.91 -27.76
CA SER D 133 -14.99 -5.35 -26.63
C SER D 133 -15.91 -5.73 -25.46
N MET D 134 -16.94 -4.92 -25.19
CA MET D 134 -17.89 -5.24 -24.11
C MET D 134 -18.70 -6.51 -24.40
N GLU D 135 -19.13 -6.70 -25.66
CA GLU D 135 -19.89 -7.89 -26.06
C GLU D 135 -19.08 -9.18 -25.97
N VAL D 136 -17.91 -9.22 -26.62
CA VAL D 136 -17.06 -10.41 -26.69
C VAL D 136 -16.32 -10.65 -25.40
N ASN D 137 -15.62 -9.63 -24.87
CA ASN D 137 -14.78 -9.80 -23.68
C ASN D 137 -15.53 -9.93 -22.39
N PHE D 138 -16.74 -9.40 -22.32
CA PHE D 138 -17.49 -9.39 -21.08
C PHE D 138 -18.85 -10.07 -21.15
N LEU D 139 -19.73 -9.58 -22.00
CA LEU D 139 -21.09 -10.14 -22.07
C LEU D 139 -21.14 -11.63 -22.39
N SER D 140 -20.32 -12.07 -23.34
CA SER D 140 -20.29 -13.51 -23.67
C SER D 140 -19.84 -14.35 -22.45
N TYR D 141 -18.96 -13.80 -21.58
CA TYR D 141 -18.51 -14.53 -20.37
C TYR D 141 -19.69 -14.73 -19.41
N VAL D 142 -20.58 -13.73 -19.34
CA VAL D 142 -21.77 -13.78 -18.48
C VAL D 142 -22.76 -14.83 -19.06
N VAL D 143 -22.94 -14.83 -20.40
CA VAL D 143 -23.81 -15.77 -21.12
C VAL D 143 -23.31 -17.20 -20.91
N LEU D 144 -21.99 -17.42 -21.06
CA LEU D 144 -21.37 -18.73 -20.86
C LEU D 144 -21.54 -19.20 -19.43
N THR D 145 -21.36 -18.31 -18.45
CA THR D 145 -21.53 -18.61 -17.04
C THR D 145 -22.95 -19.06 -16.72
N VAL D 146 -23.98 -18.34 -17.22
CA VAL D 146 -25.39 -18.66 -16.99
C VAL D 146 -25.71 -20.06 -17.55
N ALA D 147 -25.26 -20.35 -18.78
CA ALA D 147 -25.44 -21.64 -19.46
C ALA D 147 -24.78 -22.78 -18.69
N ALA D 148 -23.58 -22.53 -18.12
CA ALA D 148 -22.78 -23.53 -17.38
C ALA D 148 -23.13 -23.76 -15.93
N LEU D 149 -23.72 -22.77 -15.26
CA LEU D 149 -23.97 -22.82 -13.81
C LEU D 149 -24.73 -24.07 -13.32
N PRO D 150 -25.83 -24.55 -13.95
CA PRO D 150 -26.48 -25.78 -13.45
C PRO D 150 -25.52 -27.00 -13.38
N MET D 151 -24.65 -27.19 -14.41
CA MET D 151 -23.67 -28.28 -14.42
C MET D 151 -22.57 -28.04 -13.38
N LEU D 152 -22.08 -26.79 -13.25
CA LEU D 152 -21.04 -26.47 -12.28
C LEU D 152 -21.55 -26.64 -10.85
N LYS D 153 -22.87 -26.40 -10.63
CA LYS D 153 -23.50 -26.58 -9.33
C LYS D 153 -23.51 -28.07 -8.96
N GLN D 154 -23.81 -28.95 -9.94
CA GLN D 154 -23.85 -30.41 -9.72
C GLN D 154 -22.49 -30.99 -9.34
N SER D 155 -21.41 -30.42 -9.89
CA SER D 155 -20.06 -30.91 -9.65
C SER D 155 -19.27 -30.11 -8.64
N ASN D 156 -19.86 -29.00 -8.10
CA ASN D 156 -19.18 -28.07 -7.19
C ASN D 156 -17.91 -27.57 -7.94
N GLY D 157 -18.15 -27.21 -9.20
CA GLY D 157 -17.12 -26.80 -10.16
C GLY D 157 -16.48 -25.45 -9.94
N SER D 158 -15.78 -24.97 -10.99
CA SER D 158 -14.99 -23.75 -10.98
C SER D 158 -15.14 -22.93 -12.24
N ILE D 159 -15.15 -21.60 -12.08
CA ILE D 159 -15.18 -20.66 -13.21
C ILE D 159 -13.82 -19.99 -13.15
N VAL D 160 -13.10 -20.00 -14.26
CA VAL D 160 -11.79 -19.37 -14.31
C VAL D 160 -11.91 -18.26 -15.35
N VAL D 161 -11.70 -16.98 -14.93
CA VAL D 161 -11.84 -15.79 -15.78
C VAL D 161 -10.47 -15.20 -16.04
N VAL D 162 -10.06 -15.20 -17.31
CA VAL D 162 -8.77 -14.65 -17.68
C VAL D 162 -8.87 -13.13 -17.84
N SER D 163 -8.22 -12.41 -16.96
CA SER D 163 -8.19 -10.96 -17.02
C SER D 163 -6.76 -10.46 -17.31
N SER D 164 -6.43 -9.25 -16.86
CA SER D 164 -5.17 -8.59 -17.19
C SER D 164 -4.82 -7.59 -16.11
N LEU D 165 -3.55 -7.12 -16.09
CA LEU D 165 -3.14 -6.01 -15.21
C LEU D 165 -3.97 -4.77 -15.61
N ALA D 166 -4.33 -4.68 -16.90
CA ALA D 166 -5.17 -3.61 -17.45
C ALA D 166 -6.63 -3.73 -16.97
N GLY D 167 -6.93 -4.78 -16.21
CA GLY D 167 -8.22 -5.00 -15.54
C GLY D 167 -8.16 -4.67 -14.06
N LYS D 168 -7.02 -4.09 -13.60
CA LYS D 168 -6.80 -3.72 -12.19
C LYS D 168 -6.25 -2.31 -12.06
N VAL D 169 -5.44 -1.88 -13.04
CA VAL D 169 -4.84 -0.54 -13.07
C VAL D 169 -5.05 0.08 -14.49
N ALA D 170 -4.93 1.40 -14.60
CA ALA D 170 -5.12 2.08 -15.87
C ALA D 170 -3.86 2.02 -16.72
N TYR D 171 -4.06 1.80 -18.00
CA TYR D 171 -3.02 1.77 -19.02
C TYR D 171 -3.52 2.63 -20.18
N PRO D 172 -2.71 3.54 -20.75
CA PRO D 172 -3.16 4.23 -21.97
C PRO D 172 -3.11 3.24 -23.15
N MET D 173 -3.84 3.57 -24.23
CA MET D 173 -3.92 2.85 -25.50
C MET D 173 -4.78 1.57 -25.50
N VAL D 174 -5.45 1.27 -24.37
CA VAL D 174 -6.32 0.09 -24.24
C VAL D 174 -7.60 0.45 -23.47
N ALA D 175 -8.18 1.64 -23.69
CA ALA D 175 -9.36 2.07 -22.93
C ALA D 175 -10.56 1.11 -23.03
N ALA D 176 -10.95 0.67 -24.24
CA ALA D 176 -12.09 -0.27 -24.42
C ALA D 176 -11.80 -1.62 -23.80
N TYR D 177 -10.61 -2.16 -24.07
CA TYR D 177 -10.17 -3.45 -23.54
C TYR D 177 -10.16 -3.41 -22.00
N SER D 178 -9.55 -2.35 -21.45
CA SER D 178 -9.44 -2.16 -20.01
C SER D 178 -10.83 -2.07 -19.35
N ALA D 179 -11.75 -1.34 -19.97
CA ALA D 179 -13.14 -1.19 -19.51
C ALA D 179 -13.78 -2.59 -19.39
N SER D 180 -13.64 -3.42 -20.44
CA SER D 180 -14.17 -4.77 -20.45
C SER D 180 -13.54 -5.70 -19.37
N LYS D 181 -12.22 -5.55 -19.11
CA LYS D 181 -11.53 -6.36 -18.06
C LYS D 181 -11.91 -5.92 -16.67
N PHE D 182 -12.03 -4.59 -16.45
CA PHE D 182 -12.51 -4.05 -15.16
C PHE D 182 -13.96 -4.57 -14.91
N ALA D 183 -14.83 -4.55 -15.96
CA ALA D 183 -16.22 -5.04 -15.87
C ALA D 183 -16.27 -6.49 -15.39
N LEU D 184 -15.34 -7.33 -15.87
CA LEU D 184 -15.25 -8.73 -15.42
C LEU D 184 -15.01 -8.80 -13.89
N ASP D 185 -14.12 -7.95 -13.36
CA ASP D 185 -13.83 -7.93 -11.92
C ASP D 185 -15.09 -7.52 -11.17
N GLY D 186 -15.74 -6.44 -11.58
CA GLY D 186 -16.98 -5.99 -10.97
C GLY D 186 -18.05 -7.06 -10.96
N PHE D 187 -18.30 -7.66 -12.13
CA PHE D 187 -19.35 -8.68 -12.23
C PHE D 187 -19.02 -9.95 -11.42
N PHE D 188 -17.87 -10.58 -11.70
CA PHE D 188 -17.54 -11.86 -11.09
C PHE D 188 -17.20 -11.77 -9.62
N SER D 189 -16.66 -10.63 -9.14
CA SER D 189 -16.40 -10.49 -7.71
C SER D 189 -17.72 -10.32 -6.94
N SER D 190 -18.71 -9.69 -7.58
CA SER D 190 -20.04 -9.50 -6.97
C SER D 190 -20.79 -10.84 -6.85
N ILE D 191 -20.81 -11.65 -7.93
CA ILE D 191 -21.48 -12.96 -7.88
C ILE D 191 -20.72 -13.92 -6.95
N ARG D 192 -19.39 -13.75 -6.79
CA ARG D 192 -18.62 -14.57 -5.84
C ARG D 192 -19.15 -14.35 -4.39
N LYS D 193 -19.49 -13.07 -4.04
CA LYS D 193 -20.07 -12.71 -2.74
C LYS D 193 -21.47 -13.36 -2.60
N GLU D 194 -22.26 -13.29 -3.69
CA GLU D 194 -23.61 -13.86 -3.72
C GLU D 194 -23.56 -15.39 -3.53
N TYR D 195 -22.65 -16.09 -4.24
CA TYR D 195 -22.50 -17.56 -4.14
C TYR D 195 -22.14 -17.98 -2.71
N SER D 196 -21.29 -17.19 -2.05
CA SER D 196 -20.87 -17.40 -0.66
C SER D 196 -22.06 -17.42 0.30
N VAL D 197 -22.91 -16.39 0.23
CA VAL D 197 -24.09 -16.27 1.08
C VAL D 197 -25.20 -17.23 0.65
N SER D 198 -25.31 -17.57 -0.66
CA SER D 198 -26.32 -18.48 -1.21
C SER D 198 -25.90 -19.96 -1.11
N ARG D 199 -24.69 -20.21 -0.59
CA ARG D 199 -24.08 -21.54 -0.41
C ARG D 199 -23.99 -22.30 -1.77
N VAL D 200 -23.68 -21.56 -2.86
CA VAL D 200 -23.46 -22.12 -4.20
C VAL D 200 -21.97 -22.46 -4.15
N ASN D 201 -21.61 -23.76 -4.15
CA ASN D 201 -20.21 -24.19 -4.06
C ASN D 201 -19.50 -24.20 -5.42
N VAL D 202 -19.48 -23.04 -6.09
CA VAL D 202 -18.83 -22.87 -7.39
C VAL D 202 -17.78 -21.77 -7.19
N SER D 203 -16.48 -22.12 -7.35
CA SER D 203 -15.42 -21.13 -7.16
C SER D 203 -15.27 -20.22 -8.39
N ILE D 204 -14.74 -19.01 -8.19
CA ILE D 204 -14.51 -18.02 -9.25
C ILE D 204 -13.09 -17.51 -9.13
N THR D 205 -12.26 -17.76 -10.17
CA THR D 205 -10.85 -17.35 -10.18
C THR D 205 -10.59 -16.25 -11.22
N LEU D 206 -10.18 -15.08 -10.77
CA LEU D 206 -9.86 -13.98 -11.67
C LEU D 206 -8.32 -13.96 -11.85
N CYS D 207 -7.86 -14.16 -13.08
CA CYS D 207 -6.45 -14.24 -13.42
C CYS D 207 -5.95 -12.93 -13.94
N VAL D 208 -5.04 -12.30 -13.22
CA VAL D 208 -4.49 -10.99 -13.55
C VAL D 208 -3.11 -11.19 -14.14
N LEU D 209 -3.04 -11.05 -15.46
CA LEU D 209 -1.81 -11.29 -16.19
C LEU D 209 -1.12 -10.03 -16.68
N GLY D 210 0.23 -10.09 -16.70
CA GLY D 210 1.07 -9.08 -17.30
C GLY D 210 1.34 -9.50 -18.73
N LEU D 211 2.34 -8.91 -19.41
CA LEU D 211 2.65 -9.27 -20.80
C LEU D 211 3.10 -10.74 -20.96
N ILE D 212 2.46 -11.45 -21.91
CA ILE D 212 2.74 -12.86 -22.18
C ILE D 212 3.21 -12.97 -23.62
N ASP D 213 4.25 -13.82 -23.88
CA ASP D 213 4.88 -13.99 -25.19
C ASP D 213 4.01 -14.68 -26.26
N THR D 214 2.70 -14.36 -26.34
CA THR D 214 1.88 -14.95 -27.41
C THR D 214 2.20 -14.18 -28.70
N GLU D 215 2.02 -14.82 -29.87
CA GLU D 215 2.28 -14.19 -31.17
C GLU D 215 1.47 -12.89 -31.35
N THR D 216 0.19 -12.90 -30.92
CA THR D 216 -0.68 -11.71 -31.00
C THR D 216 -0.10 -10.55 -30.17
N ALA D 217 0.26 -10.80 -28.89
CA ALA D 217 0.79 -9.72 -28.04
C ALA D 217 2.13 -9.19 -28.52
N MET D 218 3.03 -10.11 -28.97
CA MET D 218 4.35 -9.71 -29.44
C MET D 218 4.27 -8.85 -30.69
N LYS D 219 3.32 -9.17 -31.58
CA LYS D 219 3.06 -8.39 -32.78
C LYS D 219 2.46 -7.03 -32.40
N ALA D 220 1.44 -7.03 -31.52
CA ALA D 220 0.74 -5.80 -31.14
C ALA D 220 1.61 -4.75 -30.42
N VAL D 221 2.51 -5.19 -29.53
CA VAL D 221 3.38 -4.26 -28.77
C VAL D 221 4.58 -3.74 -29.56
N SER D 222 4.98 -4.47 -30.63
CA SER D 222 6.16 -4.15 -31.44
C SER D 222 6.27 -2.67 -31.83
N GLY D 223 7.28 -2.01 -31.27
CA GLY D 223 7.58 -0.60 -31.51
C GLY D 223 6.70 0.41 -30.79
N ILE D 224 5.80 -0.08 -29.92
CA ILE D 224 4.89 0.78 -29.16
C ILE D 224 5.23 0.69 -27.68
N VAL D 225 5.23 -0.53 -27.16
CA VAL D 225 5.49 -0.77 -25.75
C VAL D 225 6.72 -1.66 -25.65
N HIS D 226 7.66 -1.21 -24.82
CA HIS D 226 8.93 -1.85 -24.53
C HIS D 226 8.83 -2.44 -23.13
N MET D 227 8.50 -3.74 -23.02
CA MET D 227 8.38 -4.41 -21.71
C MET D 227 8.74 -5.90 -21.81
N GLN D 228 8.98 -6.53 -20.63
CA GLN D 228 9.36 -7.94 -20.52
C GLN D 228 8.12 -8.84 -20.60
N ALA D 229 8.13 -9.81 -21.52
CA ALA D 229 7.05 -10.77 -21.70
C ALA D 229 7.38 -12.05 -20.97
N ALA D 230 6.37 -12.64 -20.34
CA ALA D 230 6.55 -13.89 -19.62
C ALA D 230 6.19 -15.07 -20.54
N PRO D 231 6.67 -16.32 -20.24
CA PRO D 231 6.33 -17.47 -21.10
C PRO D 231 4.89 -17.95 -20.98
N LYS D 232 4.25 -18.16 -22.14
CA LYS D 232 2.85 -18.60 -22.28
C LYS D 232 2.55 -19.97 -21.64
N GLU D 233 3.52 -20.91 -21.69
CA GLU D 233 3.40 -22.28 -21.17
C GLU D 233 3.22 -22.24 -19.65
N GLU D 234 4.08 -21.46 -18.96
CA GLU D 234 4.04 -21.28 -17.51
C GLU D 234 2.79 -20.50 -17.13
N CYS D 235 2.43 -19.48 -17.90
CA CYS D 235 1.23 -18.66 -17.68
C CYS D 235 -0.01 -19.55 -17.61
N ALA D 236 -0.18 -20.38 -18.65
CA ALA D 236 -1.28 -21.33 -18.81
C ALA D 236 -1.42 -22.28 -17.63
N LEU D 237 -0.27 -22.79 -17.11
CA LEU D 237 -0.28 -23.71 -15.98
C LEU D 237 -0.72 -23.00 -14.69
N GLU D 238 -0.20 -21.79 -14.44
CA GLU D 238 -0.54 -21.00 -13.25
C GLU D 238 -2.04 -20.65 -13.19
N ILE D 239 -2.67 -20.46 -14.35
CA ILE D 239 -4.12 -20.19 -14.46
C ILE D 239 -4.89 -21.45 -14.00
N ILE D 240 -4.48 -22.62 -14.53
CA ILE D 240 -5.08 -23.92 -14.18
C ILE D 240 -4.91 -24.22 -12.69
N LYS D 241 -3.69 -24.02 -12.13
CA LYS D 241 -3.40 -24.25 -10.71
C LYS D 241 -4.34 -23.42 -9.82
N GLY D 242 -4.46 -22.12 -10.13
CA GLY D 242 -5.34 -21.22 -9.39
C GLY D 242 -6.79 -21.68 -9.38
N GLY D 243 -7.27 -22.13 -10.53
CA GLY D 243 -8.63 -22.65 -10.68
C GLY D 243 -8.81 -23.94 -9.90
N ALA D 244 -7.87 -24.90 -10.07
CA ALA D 244 -7.91 -26.19 -9.37
C ALA D 244 -7.85 -25.98 -7.84
N LEU D 245 -7.05 -25.00 -7.38
CA LEU D 245 -6.95 -24.66 -5.96
C LEU D 245 -8.08 -23.76 -5.46
N ARG D 246 -9.00 -23.34 -6.37
CA ARG D 246 -10.16 -22.51 -6.05
C ARG D 246 -9.77 -21.15 -5.45
N GLN D 247 -8.63 -20.61 -5.90
CA GLN D 247 -8.11 -19.32 -5.43
C GLN D 247 -9.00 -18.22 -6.02
N GLU D 248 -9.22 -17.14 -5.27
CA GLU D 248 -10.07 -16.05 -5.75
C GLU D 248 -9.38 -15.31 -6.89
N GLU D 249 -8.06 -15.08 -6.76
CA GLU D 249 -7.25 -14.37 -7.73
C GLU D 249 -5.91 -15.03 -7.97
N VAL D 250 -5.44 -14.98 -9.22
CA VAL D 250 -4.13 -15.46 -9.66
C VAL D 250 -3.40 -14.28 -10.28
N TYR D 251 -2.15 -14.05 -9.92
CA TYR D 251 -1.36 -12.94 -10.45
C TYR D 251 -0.14 -13.53 -11.15
N TYR D 252 0.10 -13.14 -12.39
CA TYR D 252 1.23 -13.69 -13.12
C TYR D 252 1.84 -12.62 -14.01
N ASP D 253 3.09 -12.23 -13.68
CA ASP D 253 3.80 -11.20 -14.43
C ASP D 253 5.33 -11.42 -14.28
N SER D 254 6.11 -10.89 -15.23
CA SER D 254 7.58 -10.92 -15.24
C SER D 254 8.21 -10.12 -14.10
N SER D 255 7.55 -9.01 -13.68
CA SER D 255 8.08 -8.12 -12.63
C SER D 255 7.74 -8.54 -11.21
N ARG D 256 8.78 -8.55 -10.34
CA ARG D 256 8.69 -8.84 -8.92
C ARG D 256 7.92 -7.70 -8.23
N TRP D 257 8.07 -6.48 -8.74
CA TRP D 257 7.41 -5.29 -8.20
C TRP D 257 5.89 -5.36 -8.40
N THR D 258 5.44 -5.95 -9.54
CA THR D 258 4.03 -6.13 -9.83
C THR D 258 3.41 -7.06 -8.80
N THR D 259 3.99 -8.25 -8.61
CA THR D 259 3.50 -9.24 -7.65
C THR D 259 3.46 -8.68 -6.22
N LEU D 260 4.41 -7.80 -5.90
CA LEU D 260 4.53 -7.13 -4.61
C LEU D 260 3.46 -6.08 -4.38
N LEU D 261 3.05 -5.34 -5.44
CA LEU D 261 2.12 -4.23 -5.29
C LEU D 261 0.69 -4.44 -5.79
N ILE D 262 0.44 -5.43 -6.67
CA ILE D 262 -0.84 -5.68 -7.32
C ILE D 262 -1.97 -6.04 -6.33
N ARG D 263 -1.65 -6.72 -5.22
CA ARG D 263 -2.71 -7.09 -4.26
C ARG D 263 -3.34 -5.86 -3.60
N ASN D 264 -4.63 -5.96 -3.27
CA ASN D 264 -5.36 -4.85 -2.66
C ASN D 264 -5.99 -5.27 -1.35
N PRO D 265 -5.19 -5.30 -0.26
CA PRO D 265 -5.76 -5.70 1.05
C PRO D 265 -6.84 -4.76 1.57
N CYS D 266 -6.76 -3.47 1.28
CA CYS D 266 -7.78 -2.49 1.73
C CYS D 266 -9.15 -2.77 1.12
N ARG D 267 -9.18 -3.24 -0.14
CA ARG D 267 -10.44 -3.60 -0.80
C ARG D 267 -11.07 -4.79 -0.03
N LYS D 268 -10.26 -5.79 0.32
CA LYS D 268 -10.73 -6.98 1.06
C LYS D 268 -11.28 -6.60 2.43
N ILE D 269 -10.60 -5.68 3.13
CA ILE D 269 -11.05 -5.18 4.44
C ILE D 269 -12.41 -4.45 4.29
N LEU D 270 -12.51 -3.52 3.32
CA LEU D 270 -13.77 -2.79 3.06
C LEU D 270 -14.93 -3.69 2.76
N GLU D 271 -14.71 -4.72 1.91
CA GLU D 271 -15.74 -5.69 1.56
C GLU D 271 -16.28 -6.43 2.80
N GLU D 272 -15.37 -6.81 3.73
CA GLU D 272 -15.74 -7.47 4.99
C GLU D 272 -16.62 -6.54 5.85
N LEU D 273 -16.22 -5.26 5.97
CA LEU D 273 -16.96 -4.26 6.73
C LEU D 273 -18.37 -4.00 6.18
N TYR D 274 -18.49 -3.93 4.84
CA TYR D 274 -19.77 -3.70 4.16
C TYR D 274 -20.73 -4.90 4.15
N SER D 275 -20.21 -6.14 4.26
CA SER D 275 -21.01 -7.36 4.20
C SER D 275 -22.11 -7.40 5.29
N THR D 276 -21.79 -6.79 6.45
CA THR D 276 -22.62 -6.70 7.66
C THR D 276 -23.92 -5.92 7.43
N SER D 277 -23.94 -5.03 6.42
CA SER D 277 -25.09 -4.17 6.11
C SER D 277 -26.21 -4.90 5.40
N TYR D 278 -25.93 -6.07 4.83
CA TYR D 278 -26.91 -6.87 4.10
C TYR D 278 -27.79 -7.81 4.95
N ASN D 279 -29.09 -7.81 4.64
CA ASN D 279 -30.05 -8.75 5.23
C ASN D 279 -30.19 -9.80 4.12
N MET D 280 -29.47 -10.93 4.23
CA MET D 280 -29.49 -11.93 3.18
C MET D 280 -30.57 -13.01 3.38
N ASP D 281 -31.09 -13.15 4.62
CA ASP D 281 -32.14 -14.11 4.96
C ASP D 281 -33.50 -13.61 4.46
N ARG D 282 -33.62 -13.51 3.12
CA ARG D 282 -34.78 -13.02 2.40
C ARG D 282 -34.77 -13.63 0.99
#